data_9FNU
#
_entry.id   9FNU
#
_cell.length_a   80.890
_cell.length_b   81.114
_cell.length_c   170.104
_cell.angle_alpha   90.000
_cell.angle_beta   90.000
_cell.angle_gamma   90.000
#
_symmetry.space_group_name_H-M   'P 21 21 21'
#
loop_
_entity.id
_entity.type
_entity.pdbx_description
1 polymer 'N-glycosylase/DNA lyase'
2 non-polymer 3-(2-azanylethyl)-2-pyridin-3-yl-1~{H}-indol-5-ol
3 non-polymer GLYCEROL
4 non-polymer 'NICKEL (II) ION'
5 water water
#
_entity_poly.entity_id   1
_entity_poly.type   'polypeptide(L)'
_entity_poly.pdbx_seq_one_letter_code
;GSHMRHRTLSSSPALWASIPCPRSELRLDLVLASGQSFRWKEQSPAHWSGVLADQVWTLTQTEDQLYCTVYRGDDSQVSR
PTLEELETLHKYFQLDVSLAQLYSHWASVDSHFQRVAQKFQGVRLLRQDPTECLFSFICSSNNNIARITGMVERLCQAFG
PRLIQLDDVTYHGFPNLHALAGPEAETHLRKLGLGYRARYVRASAKAILEEQGGPAWLQQLRVAPYEEAHKALCTLPGVG
AKVADCICLMALDKPQAVPVDVHVWQIAHRDYGWHPKTSQAKGPSPLANKELGNFFRNLWGPYAGWAQAVLFSADLRQ
;
_entity_poly.pdbx_strand_id   A,B,C
#
# COMPACT_ATOMS: atom_id res chain seq x y z
N MET A 4 38.77 -20.33 -16.86
CA MET A 4 38.01 -19.29 -17.60
C MET A 4 37.14 -18.51 -16.63
N ARG A 5 36.96 -17.25 -16.98
CA ARG A 5 36.35 -16.28 -16.12
C ARG A 5 35.03 -15.84 -16.75
N HIS A 6 34.08 -15.36 -15.94
CA HIS A 6 32.90 -14.66 -16.45
C HIS A 6 33.33 -13.34 -17.09
N ARG A 7 32.82 -13.04 -18.28
CA ARG A 7 33.20 -11.85 -19.02
C ARG A 7 32.43 -10.64 -18.54
N THR A 8 33.08 -9.47 -18.67
CA THR A 8 32.41 -8.19 -18.58
C THR A 8 32.61 -7.47 -19.91
N LEU A 9 31.73 -6.49 -20.15
CA LEU A 9 31.76 -5.75 -21.40
C LEU A 9 33.12 -5.05 -21.53
N SER A 10 33.69 -4.62 -20.41
CA SER A 10 35.04 -4.07 -20.36
C SER A 10 36.10 -5.13 -20.65
N SER A 11 36.14 -6.22 -19.86
CA SER A 11 37.13 -7.28 -19.99
C SER A 11 37.47 -7.54 -21.45
N SER A 12 36.44 -7.77 -22.26
CA SER A 12 36.61 -8.48 -23.52
C SER A 12 35.62 -7.98 -24.56
N PRO A 13 35.62 -6.68 -24.91
CA PRO A 13 34.56 -6.09 -25.72
C PRO A 13 34.46 -6.75 -27.08
N ALA A 14 35.55 -7.40 -27.50
CA ALA A 14 35.64 -8.06 -28.79
C ALA A 14 34.82 -9.34 -28.85
N LEU A 15 34.39 -9.85 -27.68
CA LEU A 15 33.68 -11.12 -27.64
C LEU A 15 32.18 -10.90 -27.52
N TRP A 16 31.75 -9.63 -27.48
CA TRP A 16 30.34 -9.30 -27.30
C TRP A 16 29.67 -8.86 -28.59
N ALA A 17 28.37 -9.14 -28.68
CA ALA A 17 27.54 -8.61 -29.76
C ALA A 17 26.38 -7.88 -29.12
N SER A 18 25.68 -7.10 -29.94
CA SER A 18 24.65 -6.22 -29.43
C SER A 18 23.38 -6.45 -30.25
N ILE A 19 22.25 -6.25 -29.59
CA ILE A 19 20.95 -6.27 -30.22
C ILE A 19 20.31 -4.94 -29.89
N PRO A 20 19.88 -4.14 -30.91
CA PRO A 20 19.18 -2.89 -30.65
C PRO A 20 18.00 -3.22 -29.73
N CYS A 21 17.98 -2.61 -28.55
CA CYS A 21 16.92 -2.93 -27.61
C CYS A 21 16.84 -1.85 -26.54
N PRO A 22 15.79 -1.00 -26.54
CA PRO A 22 15.67 0.03 -25.53
C PRO A 22 15.26 -0.55 -24.18
N ARG A 23 15.49 0.24 -23.15
CA ARG A 23 15.28 -0.16 -21.77
C ARG A 23 13.80 -0.32 -21.51
N SER A 24 12.97 0.35 -22.33
CA SER A 24 11.53 0.24 -22.24
C SER A 24 11.01 -1.07 -22.84
N GLU A 25 11.81 -1.72 -23.66
CA GLU A 25 11.46 -3.02 -24.25
C GLU A 25 11.99 -4.15 -23.38
N LEU A 26 13.04 -3.91 -22.58
CA LEU A 26 13.56 -4.99 -21.76
C LEU A 26 14.45 -4.41 -20.67
N ARG A 27 14.11 -4.72 -19.42
CA ARG A 27 14.99 -4.52 -18.28
C ARG A 27 15.41 -5.90 -17.74
N LEU A 28 16.67 -6.29 -17.98
CA LEU A 28 17.21 -7.57 -17.58
C LEU A 28 16.96 -7.79 -16.10
N ASP A 29 17.13 -6.73 -15.29
CA ASP A 29 17.05 -6.84 -13.86
C ASP A 29 15.62 -7.02 -13.34
N LEU A 30 14.57 -6.80 -14.15
CA LEU A 30 13.23 -7.05 -13.66
C LEU A 30 12.66 -8.37 -14.23
N VAL A 31 13.44 -9.04 -15.07
CA VAL A 31 12.97 -10.19 -15.82
C VAL A 31 13.80 -11.43 -15.43
N LEU A 32 15.15 -11.35 -15.41
CA LEU A 32 15.93 -12.58 -15.33
C LEU A 32 15.87 -13.26 -13.98
N ALA A 33 15.53 -12.55 -12.91
CA ALA A 33 15.42 -13.21 -11.62
C ALA A 33 14.07 -12.95 -10.97
N SER A 34 13.03 -12.69 -11.77
N SER A 34 13.05 -12.66 -11.78
CA SER A 34 11.71 -12.39 -11.23
CA SER A 34 11.73 -12.41 -11.25
C SER A 34 10.77 -13.60 -11.32
C SER A 34 10.82 -13.60 -11.54
N GLY A 35 11.33 -14.81 -11.27
CA GLY A 35 10.51 -16.01 -11.15
C GLY A 35 9.89 -16.52 -12.45
N GLN A 36 10.54 -16.25 -13.57
CA GLN A 36 10.24 -16.93 -14.82
C GLN A 36 11.28 -18.03 -15.09
N SER A 37 12.53 -17.65 -15.40
CA SER A 37 13.64 -18.59 -15.37
C SER A 37 14.29 -18.52 -13.99
N PHE A 38 14.81 -19.67 -13.54
CA PHE A 38 15.55 -19.73 -12.30
C PHE A 38 17.04 -19.97 -12.55
N ARG A 39 17.57 -19.62 -13.74
CA ARG A 39 18.92 -20.03 -14.13
C ARG A 39 19.86 -18.86 -14.42
N TRP A 40 19.48 -17.63 -14.09
CA TRP A 40 20.26 -16.44 -14.36
C TRP A 40 20.71 -15.88 -13.01
N LYS A 41 21.96 -15.43 -12.95
CA LYS A 41 22.48 -14.80 -11.75
C LYS A 41 23.43 -13.68 -12.18
N GLU A 42 23.32 -12.57 -11.47
CA GLU A 42 24.17 -11.42 -11.69
C GLU A 42 25.51 -11.72 -11.02
N GLN A 43 26.41 -12.42 -11.72
CA GLN A 43 27.71 -12.88 -11.22
C GLN A 43 28.68 -11.69 -11.04
N SER A 44 28.54 -10.65 -11.86
CA SER A 44 29.17 -9.35 -11.59
C SER A 44 28.13 -8.25 -11.82
N PRO A 45 28.34 -7.01 -11.31
CA PRO A 45 27.31 -5.97 -11.37
C PRO A 45 26.84 -5.69 -12.80
N ALA A 46 25.51 -5.79 -13.00
CA ALA A 46 24.83 -5.52 -14.27
C ALA A 46 25.09 -6.59 -15.33
N HIS A 47 25.77 -7.69 -14.96
CA HIS A 47 26.12 -8.73 -15.91
C HIS A 47 25.45 -10.03 -15.47
N TRP A 48 24.56 -10.57 -16.34
CA TRP A 48 23.73 -11.71 -15.99
C TRP A 48 24.23 -12.93 -16.75
N SER A 49 24.53 -14.01 -16.02
CA SER A 49 25.00 -15.25 -16.62
C SER A 49 24.03 -16.39 -16.35
N GLY A 50 23.81 -17.20 -17.37
CA GLY A 50 23.01 -18.39 -17.24
C GLY A 50 23.00 -19.23 -18.50
N VAL A 51 22.28 -20.33 -18.42
CA VAL A 51 22.31 -21.35 -19.46
C VAL A 51 21.07 -21.19 -20.32
N LEU A 52 21.30 -21.14 -21.62
CA LEU A 52 20.26 -21.26 -22.62
C LEU A 52 20.64 -22.44 -23.53
N ALA A 53 19.86 -23.52 -23.46
CA ALA A 53 20.01 -24.64 -24.38
C ALA A 53 21.45 -25.14 -24.46
N ASP A 54 22.00 -25.72 -23.40
CA ASP A 54 23.36 -26.25 -23.53
C ASP A 54 24.41 -25.23 -24.03
N GLN A 55 24.16 -23.92 -23.89
CA GLN A 55 25.22 -22.91 -23.97
C GLN A 55 25.07 -21.95 -22.81
N VAL A 56 26.19 -21.36 -22.36
CA VAL A 56 26.16 -20.34 -21.34
C VAL A 56 26.29 -18.97 -22.01
N TRP A 57 25.54 -18.00 -21.46
CA TRP A 57 25.56 -16.61 -21.94
C TRP A 57 25.81 -15.68 -20.77
N THR A 58 26.44 -14.55 -21.08
CA THR A 58 26.39 -13.41 -20.21
C THR A 58 25.72 -12.27 -20.96
N LEU A 59 24.84 -11.57 -20.26
CA LEU A 59 24.07 -10.49 -20.86
C LEU A 59 24.24 -9.23 -20.00
N THR A 60 24.28 -8.07 -20.68
CA THR A 60 24.26 -6.77 -20.01
C THR A 60 23.58 -5.78 -20.95
N GLN A 61 23.23 -4.60 -20.47
CA GLN A 61 22.64 -3.64 -21.40
C GLN A 61 22.95 -2.19 -21.03
N THR A 62 22.90 -1.36 -22.08
CA THR A 62 22.89 0.10 -21.98
C THR A 62 21.43 0.55 -22.12
N GLU A 63 21.20 1.85 -22.31
CA GLU A 63 19.83 2.35 -22.39
C GLU A 63 19.20 1.90 -23.71
N ASP A 64 20.00 1.72 -24.75
CA ASP A 64 19.46 1.43 -26.06
C ASP A 64 19.98 0.10 -26.61
N GLN A 65 20.90 -0.58 -25.92
CA GLN A 65 21.51 -1.77 -26.49
C GLN A 65 21.51 -2.91 -25.48
N LEU A 66 21.24 -4.13 -25.99
CA LEU A 66 21.43 -5.37 -25.27
C LEU A 66 22.74 -6.00 -25.74
N TYR A 67 23.69 -6.22 -24.83
CA TYR A 67 24.97 -6.82 -25.22
C TYR A 67 24.98 -8.27 -24.75
N CYS A 68 25.48 -9.17 -25.59
CA CYS A 68 25.64 -10.53 -25.14
C CYS A 68 26.94 -11.14 -25.62
N THR A 69 27.33 -12.18 -24.90
CA THR A 69 28.51 -12.99 -25.18
C THR A 69 28.16 -14.45 -24.85
N VAL A 70 28.73 -15.38 -25.59
CA VAL A 70 28.42 -16.80 -25.49
C VAL A 70 29.72 -17.54 -25.22
N TYR A 71 29.62 -18.56 -24.38
CA TYR A 71 30.69 -19.49 -24.08
C TYR A 71 30.26 -20.88 -24.56
N ARG A 72 31.00 -21.49 -25.49
CA ARG A 72 30.51 -22.72 -26.12
C ARG A 72 31.00 -23.98 -25.40
N GLY A 73 32.00 -23.85 -24.52
CA GLY A 73 32.43 -24.98 -23.70
C GLY A 73 33.60 -25.72 -24.35
N ASP A 74 33.26 -26.66 -25.24
CA ASP A 74 34.20 -27.68 -25.73
C ASP A 74 35.23 -27.07 -26.66
N ASP A 75 36.33 -26.62 -26.06
CA ASP A 75 37.55 -26.17 -26.75
C ASP A 75 37.20 -25.53 -28.09
N SER A 76 36.03 -24.89 -28.12
CA SER A 76 35.67 -24.01 -29.22
C SER A 76 36.44 -22.72 -29.00
N GLN A 77 37.27 -22.34 -29.96
CA GLN A 77 37.99 -21.09 -29.89
C GLN A 77 37.00 -19.95 -29.65
N VAL A 78 37.26 -19.14 -28.62
CA VAL A 78 36.34 -18.08 -28.22
C VAL A 78 36.04 -17.18 -29.42
N SER A 79 34.80 -16.70 -29.50
CA SER A 79 34.37 -15.81 -30.58
C SER A 79 33.01 -15.22 -30.23
N ARG A 80 32.69 -14.09 -30.88
CA ARG A 80 31.42 -13.39 -30.72
C ARG A 80 30.27 -14.32 -31.06
N PRO A 81 29.03 -14.00 -30.65
CA PRO A 81 27.87 -14.81 -31.04
C PRO A 81 27.68 -14.77 -32.54
N THR A 82 27.31 -15.92 -33.12
CA THR A 82 26.87 -15.98 -34.50
C THR A 82 25.47 -15.38 -34.65
N LEU A 83 25.05 -15.24 -35.90
CA LEU A 83 23.73 -14.76 -36.25
C LEU A 83 22.65 -15.69 -35.71
N GLU A 84 22.80 -17.01 -35.90
CA GLU A 84 21.80 -17.94 -35.42
C GLU A 84 21.69 -17.89 -33.89
N GLU A 85 22.82 -17.79 -33.19
CA GLU A 85 22.80 -17.67 -31.74
C GLU A 85 22.08 -16.36 -31.35
N LEU A 86 22.33 -15.26 -32.06
CA LEU A 86 21.63 -14.00 -31.78
C LEU A 86 20.13 -14.12 -32.06
N GLU A 87 19.72 -14.87 -33.09
CA GLU A 87 18.30 -15.10 -33.33
C GLU A 87 17.68 -15.87 -32.16
N THR A 88 18.38 -16.89 -31.65
CA THR A 88 17.88 -17.65 -30.51
C THR A 88 17.56 -16.74 -29.33
N LEU A 89 18.46 -15.79 -29.08
CA LEU A 89 18.29 -14.86 -27.98
C LEU A 89 17.15 -13.89 -28.26
N HIS A 90 17.02 -13.47 -29.53
CA HIS A 90 15.97 -12.55 -29.92
C HIS A 90 14.61 -13.17 -29.65
N LYS A 91 14.49 -14.46 -30.01
CA LYS A 91 13.30 -15.26 -29.79
C LYS A 91 13.06 -15.60 -28.32
N TYR A 92 14.13 -15.83 -27.54
CA TYR A 92 14.03 -16.01 -26.09
C TYR A 92 13.36 -14.84 -25.39
N PHE A 93 13.67 -13.60 -25.79
CA PHE A 93 13.07 -12.43 -25.19
C PHE A 93 11.82 -11.94 -25.95
N GLN A 94 11.43 -12.69 -26.98
CA GLN A 94 10.21 -12.41 -27.76
C GLN A 94 10.18 -10.96 -28.23
N LEU A 95 11.32 -10.51 -28.73
CA LEU A 95 11.55 -9.10 -29.01
C LEU A 95 10.80 -8.67 -30.28
N ASP A 96 10.22 -9.61 -31.04
CA ASP A 96 9.34 -9.23 -32.12
C ASP A 96 8.12 -8.50 -31.57
N VAL A 97 7.74 -8.81 -30.32
CA VAL A 97 6.55 -8.24 -29.71
C VAL A 97 6.92 -6.89 -29.13
N SER A 98 6.12 -5.86 -29.45
CA SER A 98 6.33 -4.54 -28.87
C SER A 98 5.73 -4.44 -27.47
N LEU A 99 6.56 -4.26 -26.46
CA LEU A 99 6.06 -4.18 -25.10
C LEU A 99 5.46 -2.81 -24.83
N ALA A 100 6.03 -1.76 -25.43
CA ALA A 100 5.54 -0.40 -25.26
C ALA A 100 4.11 -0.27 -25.78
N GLN A 101 3.80 -0.88 -26.92
CA GLN A 101 2.44 -0.87 -27.44
C GLN A 101 1.53 -1.67 -26.51
N LEU A 102 2.03 -2.78 -25.94
CA LEU A 102 1.20 -3.53 -24.99
C LEU A 102 0.96 -2.70 -23.73
N TYR A 103 2.03 -2.14 -23.16
CA TYR A 103 1.87 -1.27 -21.99
C TYR A 103 0.79 -0.21 -22.23
N SER A 104 0.82 0.49 -23.34
CA SER A 104 -0.15 1.56 -23.51
C SER A 104 -1.57 0.98 -23.63
N HIS A 105 -1.70 -0.20 -24.26
CA HIS A 105 -3.00 -0.85 -24.44
C HIS A 105 -3.59 -1.29 -23.10
N TRP A 106 -2.76 -1.84 -22.19
CA TRP A 106 -3.24 -2.22 -20.87
C TRP A 106 -3.57 -0.97 -20.05
N ALA A 107 -2.69 0.02 -20.16
CA ALA A 107 -2.87 1.23 -19.37
C ALA A 107 -4.17 1.94 -19.79
N SER A 108 -4.56 1.81 -21.07
CA SER A 108 -5.75 2.47 -21.57
C SER A 108 -6.98 2.02 -20.79
N VAL A 109 -6.97 0.81 -20.19
CA VAL A 109 -8.14 0.30 -19.49
C VAL A 109 -7.87 0.12 -17.99
N ASP A 110 -6.70 0.51 -17.50
CA ASP A 110 -6.30 0.12 -16.15
C ASP A 110 -5.38 1.17 -15.55
N SER A 111 -5.92 2.00 -14.65
CA SER A 111 -5.15 3.11 -14.10
C SER A 111 -4.16 2.59 -13.06
N HIS A 112 -4.47 1.45 -12.45
CA HIS A 112 -3.52 0.84 -11.54
C HIS A 112 -2.28 0.41 -12.33
N PHE A 113 -2.47 -0.37 -13.39
CA PHE A 113 -1.36 -0.76 -14.22
C PHE A 113 -0.55 0.48 -14.64
N GLN A 114 -1.28 1.54 -15.04
CA GLN A 114 -0.68 2.77 -15.51
C GLN A 114 0.33 3.34 -14.49
N ARG A 115 -0.04 3.39 -13.21
CA ARG A 115 0.85 3.87 -12.16
C ARG A 115 2.06 2.94 -11.96
N VAL A 116 1.84 1.63 -11.96
CA VAL A 116 2.91 0.66 -11.76
C VAL A 116 3.92 0.70 -12.90
N ALA A 117 3.40 0.79 -14.12
CA ALA A 117 4.19 0.73 -15.33
C ALA A 117 5.14 1.91 -15.47
N GLN A 118 4.87 3.01 -14.77
CA GLN A 118 5.72 4.19 -14.79
C GLN A 118 7.14 3.82 -14.36
N LYS A 119 7.20 3.07 -13.25
CA LYS A 119 8.43 2.73 -12.58
C LYS A 119 9.00 1.43 -13.14
N PHE A 120 8.12 0.52 -13.59
CA PHE A 120 8.52 -0.84 -13.92
C PHE A 120 8.26 -1.15 -15.37
N GLN A 121 9.11 -0.55 -16.18
CA GLN A 121 9.15 -0.75 -17.60
C GLN A 121 10.09 -1.89 -17.95
N GLY A 122 9.80 -2.51 -19.11
CA GLY A 122 10.67 -3.51 -19.71
C GLY A 122 10.50 -4.90 -19.09
N VAL A 123 9.38 -5.12 -18.41
CA VAL A 123 9.06 -6.45 -17.92
C VAL A 123 8.37 -7.20 -19.04
N ARG A 124 9.06 -8.17 -19.64
CA ARG A 124 8.43 -9.01 -20.65
C ARG A 124 8.56 -10.48 -20.26
N LEU A 125 7.94 -11.35 -21.06
CA LEU A 125 7.88 -12.79 -20.80
C LEU A 125 8.96 -13.46 -21.62
N LEU A 126 9.82 -14.25 -20.94
CA LEU A 126 10.74 -15.09 -21.67
C LEU A 126 9.90 -16.16 -22.38
N ARG A 127 10.47 -16.71 -23.45
CA ARG A 127 9.93 -17.89 -24.10
C ARG A 127 10.85 -19.05 -23.78
N GLN A 128 10.46 -19.86 -22.81
CA GLN A 128 11.34 -20.88 -22.28
C GLN A 128 11.15 -22.23 -22.97
N ASP A 129 12.13 -23.13 -22.78
CA ASP A 129 12.04 -24.53 -23.14
C ASP A 129 10.99 -25.18 -22.25
N PRO A 130 10.00 -25.90 -22.83
CA PRO A 130 8.92 -26.51 -22.06
C PRO A 130 9.37 -27.49 -20.96
N THR A 131 10.33 -28.35 -21.27
CA THR A 131 10.86 -29.30 -20.30
C THR A 131 11.36 -28.57 -19.06
N GLU A 132 12.30 -27.65 -19.26
CA GLU A 132 12.85 -26.90 -18.15
C GLU A 132 11.77 -26.16 -17.37
N CYS A 133 10.85 -25.51 -18.08
CA CYS A 133 9.85 -24.70 -17.41
C CYS A 133 8.93 -25.62 -16.58
N LEU A 134 8.59 -26.78 -17.12
CA LEU A 134 7.68 -27.70 -16.45
C LEU A 134 8.27 -28.16 -15.12
N PHE A 135 9.52 -28.62 -15.13
CA PHE A 135 10.06 -29.16 -13.90
C PHE A 135 10.42 -28.05 -12.91
N SER A 136 10.78 -26.88 -13.42
CA SER A 136 11.00 -25.72 -12.61
C SER A 136 9.76 -25.42 -11.81
N PHE A 137 8.59 -25.41 -12.45
CA PHE A 137 7.38 -24.97 -11.77
C PHE A 137 6.80 -26.10 -10.93
N ILE A 138 7.08 -27.36 -11.26
CA ILE A 138 6.80 -28.45 -10.32
C ILE A 138 7.51 -28.17 -8.99
N CYS A 139 8.72 -27.63 -9.05
CA CYS A 139 9.52 -27.29 -7.88
C CYS A 139 9.01 -26.05 -7.14
N SER A 140 8.04 -25.33 -7.76
CA SER A 140 7.62 -24.03 -7.32
C SER A 140 6.59 -24.09 -6.20
N SER A 141 5.92 -25.22 -6.01
CA SER A 141 4.86 -25.32 -5.02
C SER A 141 5.42 -25.05 -3.62
N ASN A 142 4.77 -24.10 -2.95
CA ASN A 142 5.02 -23.78 -1.55
C ASN A 142 6.49 -23.44 -1.38
N ASN A 143 6.98 -22.52 -2.21
CA ASN A 143 8.40 -22.31 -2.39
C ASN A 143 8.62 -20.88 -2.87
N ASN A 144 9.78 -20.32 -2.56
CA ASN A 144 10.14 -18.98 -3.02
C ASN A 144 11.21 -19.12 -4.10
N ILE A 145 11.47 -18.01 -4.78
CA ILE A 145 12.38 -17.96 -5.92
C ILE A 145 13.78 -18.44 -5.49
N ALA A 146 14.29 -17.94 -4.38
CA ALA A 146 15.61 -18.33 -3.89
C ALA A 146 15.69 -19.84 -3.70
N ARG A 147 14.72 -20.46 -3.02
CA ARG A 147 14.75 -21.90 -2.79
C ARG A 147 14.55 -22.71 -4.09
N ILE A 148 13.74 -22.23 -5.02
CA ILE A 148 13.53 -22.93 -6.27
C ILE A 148 14.83 -22.93 -7.05
N THR A 149 15.50 -21.78 -7.04
CA THR A 149 16.72 -21.57 -7.77
C THR A 149 17.77 -22.59 -7.35
N GLY A 150 17.87 -22.86 -6.03
CA GLY A 150 18.84 -23.85 -5.56
C GLY A 150 18.46 -25.27 -5.97
N MET A 151 17.18 -25.59 -5.85
CA MET A 151 16.68 -26.90 -6.21
C MET A 151 16.96 -27.17 -7.67
N VAL A 152 16.74 -26.15 -8.52
CA VAL A 152 16.95 -26.30 -9.93
C VAL A 152 18.43 -26.43 -10.28
N GLU A 153 19.28 -25.60 -9.69
CA GLU A 153 20.72 -25.72 -9.86
C GLU A 153 21.22 -27.10 -9.40
N ARG A 154 20.77 -27.61 -8.27
CA ARG A 154 21.26 -28.90 -7.78
C ARG A 154 20.74 -30.03 -8.66
N LEU A 155 19.46 -29.94 -9.06
CA LEU A 155 18.91 -30.87 -10.03
C LEU A 155 19.76 -30.90 -11.30
N CYS A 156 20.08 -29.73 -11.85
CA CYS A 156 20.81 -29.74 -13.11
C CYS A 156 22.24 -30.26 -12.90
N GLN A 157 22.86 -29.92 -11.78
CA GLN A 157 24.23 -30.44 -11.57
C GLN A 157 24.23 -31.96 -11.43
N ALA A 158 23.20 -32.53 -10.78
CA ALA A 158 23.13 -33.95 -10.48
C ALA A 158 22.72 -34.75 -11.70
N PHE A 159 21.89 -34.18 -12.59
CA PHE A 159 21.33 -34.99 -13.66
C PHE A 159 21.62 -34.50 -15.06
N GLY A 160 22.04 -33.26 -15.23
CA GLY A 160 22.26 -32.79 -16.57
C GLY A 160 23.73 -32.73 -16.98
N PRO A 161 24.02 -32.57 -18.28
CA PRO A 161 25.41 -32.56 -18.78
C PRO A 161 26.15 -31.30 -18.33
N ARG A 162 27.41 -31.49 -17.93
CA ARG A 162 28.24 -30.35 -17.61
C ARG A 162 28.45 -29.56 -18.89
N LEU A 163 28.41 -28.23 -18.80
CA LEU A 163 28.69 -27.42 -19.99
C LEU A 163 30.08 -26.79 -19.88
N ILE A 164 30.31 -25.99 -18.83
CA ILE A 164 31.53 -25.21 -18.67
C ILE A 164 31.59 -24.74 -17.22
N GLN A 165 32.81 -24.40 -16.78
CA GLN A 165 33.03 -23.73 -15.51
C GLN A 165 33.59 -22.32 -15.77
N LEU A 166 33.09 -21.33 -15.02
CA LEU A 166 33.52 -19.95 -15.12
C LEU A 166 33.68 -19.46 -13.68
N ASP A 167 34.88 -19.01 -13.28
CA ASP A 167 35.11 -18.68 -11.88
C ASP A 167 34.81 -19.95 -11.10
N ASP A 168 34.08 -19.88 -9.98
CA ASP A 168 33.80 -21.11 -9.23
C ASP A 168 32.43 -21.71 -9.59
N VAL A 169 31.74 -21.20 -10.62
CA VAL A 169 30.39 -21.67 -10.96
C VAL A 169 30.46 -22.73 -12.05
N THR A 170 29.95 -23.94 -11.78
CA THR A 170 29.87 -24.94 -12.83
C THR A 170 28.44 -24.93 -13.42
N TYR A 171 28.36 -24.87 -14.74
CA TYR A 171 27.07 -24.73 -15.42
C TYR A 171 26.73 -26.06 -16.06
N HIS A 172 25.50 -26.54 -15.82
CA HIS A 172 24.95 -27.74 -16.43
C HIS A 172 23.74 -27.42 -17.33
N GLY A 173 23.55 -28.24 -18.36
CA GLY A 173 22.30 -28.27 -19.13
C GLY A 173 21.17 -28.86 -18.31
N PHE A 174 19.96 -28.44 -18.65
CA PHE A 174 18.80 -29.05 -18.03
C PHE A 174 18.77 -30.50 -18.48
N PRO A 175 18.44 -31.48 -17.60
CA PRO A 175 18.41 -32.88 -18.03
C PRO A 175 17.25 -33.25 -18.95
N ASN A 176 17.41 -34.36 -19.70
CA ASN A 176 16.35 -34.95 -20.48
C ASN A 176 15.43 -35.73 -19.56
N LEU A 177 14.24 -36.10 -20.06
CA LEU A 177 13.21 -36.74 -19.25
C LEU A 177 13.69 -38.09 -18.75
N HIS A 178 14.37 -38.81 -19.63
CA HIS A 178 14.76 -40.17 -19.30
C HIS A 178 15.69 -40.17 -18.08
N ALA A 179 16.53 -39.15 -17.96
CA ALA A 179 17.42 -39.02 -16.80
C ALA A 179 16.65 -38.79 -15.50
N LEU A 180 15.50 -38.10 -15.53
CA LEU A 180 14.70 -37.82 -14.34
C LEU A 180 13.70 -38.91 -13.99
N ALA A 181 13.50 -39.86 -14.93
CA ALA A 181 12.51 -40.92 -14.84
C ALA A 181 13.08 -42.20 -14.24
N GLY A 182 14.37 -42.25 -13.95
CA GLY A 182 15.03 -43.49 -13.59
C GLY A 182 14.71 -43.95 -12.18
N PRO A 183 15.06 -45.20 -11.83
CA PRO A 183 14.54 -45.82 -10.60
C PRO A 183 15.03 -45.18 -9.31
N GLU A 184 16.22 -44.57 -9.33
CA GLU A 184 16.78 -43.92 -8.15
C GLU A 184 16.52 -42.42 -8.18
N ALA A 185 15.76 -41.90 -9.16
CA ALA A 185 15.73 -40.46 -9.39
C ALA A 185 15.08 -39.77 -8.21
N GLU A 186 13.98 -40.31 -7.71
CA GLU A 186 13.27 -39.67 -6.63
C GLU A 186 14.16 -39.62 -5.39
N THR A 187 14.78 -40.76 -5.07
CA THR A 187 15.66 -40.85 -3.92
C THR A 187 16.74 -39.79 -3.98
N HIS A 188 17.46 -39.75 -5.10
CA HIS A 188 18.50 -38.76 -5.28
C HIS A 188 17.92 -37.35 -5.13
N LEU A 189 16.72 -37.09 -5.69
CA LEU A 189 16.20 -35.73 -5.69
C LEU A 189 15.81 -35.32 -4.27
N ARG A 190 15.42 -36.26 -3.42
CA ARG A 190 15.13 -35.95 -2.02
C ARG A 190 16.42 -35.58 -1.26
N LYS A 191 17.49 -36.30 -1.55
CA LYS A 191 18.83 -36.00 -1.06
C LYS A 191 19.26 -34.58 -1.52
N LEU A 192 18.71 -34.08 -2.63
CA LEU A 192 19.04 -32.75 -3.11
C LEU A 192 18.12 -31.68 -2.54
N GLY A 193 17.23 -32.06 -1.63
CA GLY A 193 16.41 -31.09 -0.90
C GLY A 193 15.03 -30.81 -1.50
N LEU A 194 14.53 -31.61 -2.47
CA LEU A 194 13.27 -31.25 -3.14
C LEU A 194 12.03 -31.63 -2.34
N GLY A 195 12.19 -32.52 -1.35
CA GLY A 195 11.03 -32.95 -0.58
C GLY A 195 10.04 -33.76 -1.39
N TYR A 196 8.76 -33.54 -1.08
CA TYR A 196 7.66 -34.19 -1.77
C TYR A 196 7.77 -33.95 -3.29
N ARG A 197 8.46 -32.88 -3.70
CA ARG A 197 8.45 -32.48 -5.10
C ARG A 197 9.30 -33.45 -5.90
N ALA A 198 10.23 -34.15 -5.24
CA ALA A 198 11.00 -35.20 -5.87
C ALA A 198 10.15 -36.28 -6.52
N ARG A 199 9.06 -36.65 -5.86
N ARG A 199 9.04 -36.67 -5.88
CA ARG A 199 8.14 -37.66 -6.38
CA ARG A 199 8.19 -37.71 -6.45
C ARG A 199 7.47 -37.18 -7.67
C ARG A 199 7.45 -37.19 -7.68
N TYR A 200 7.03 -35.91 -7.68
CA TYR A 200 6.35 -35.33 -8.83
C TYR A 200 7.25 -35.19 -10.04
N VAL A 201 8.51 -34.82 -9.78
CA VAL A 201 9.49 -34.71 -10.84
C VAL A 201 9.62 -36.05 -11.55
N ARG A 202 9.94 -37.11 -10.78
CA ARG A 202 10.16 -38.42 -11.37
C ARG A 202 8.91 -38.93 -12.09
N ALA A 203 7.76 -38.83 -11.40
CA ALA A 203 6.49 -39.31 -11.92
C ALA A 203 6.06 -38.58 -13.17
N SER A 204 6.29 -37.27 -13.26
CA SER A 204 5.94 -36.52 -14.44
C SER A 204 6.87 -36.85 -15.60
N ALA A 205 8.17 -37.02 -15.33
CA ALA A 205 9.10 -37.47 -16.35
C ALA A 205 8.63 -38.81 -16.91
N LYS A 206 8.26 -39.72 -16.02
CA LYS A 206 7.87 -41.06 -16.44
C LYS A 206 6.55 -41.01 -17.24
N ALA A 207 5.59 -40.19 -16.78
CA ALA A 207 4.32 -40.00 -17.47
C ALA A 207 4.50 -39.45 -18.87
N ILE A 208 5.29 -38.40 -19.02
CA ILE A 208 5.51 -37.85 -20.35
C ILE A 208 6.12 -38.87 -21.31
N LEU A 209 7.13 -39.58 -20.81
CA LEU A 209 7.85 -40.57 -21.59
C LEU A 209 6.91 -41.75 -21.91
N GLU A 210 6.20 -42.29 -20.91
CA GLU A 210 5.48 -43.53 -21.14
C GLU A 210 4.04 -43.28 -21.63
N GLU A 211 3.36 -42.23 -21.14
CA GLU A 211 1.96 -42.04 -21.49
C GLU A 211 1.80 -41.12 -22.69
N GLN A 212 2.77 -40.24 -22.94
CA GLN A 212 2.55 -39.17 -23.90
C GLN A 212 3.57 -39.21 -25.04
N GLY A 213 4.59 -40.05 -24.93
CA GLY A 213 5.51 -40.30 -26.03
C GLY A 213 6.67 -39.32 -26.10
N GLY A 214 7.04 -38.73 -24.96
CA GLY A 214 8.26 -37.97 -24.91
C GLY A 214 8.04 -36.49 -25.14
N PRO A 215 9.12 -35.70 -25.24
CA PRO A 215 9.01 -34.25 -25.20
C PRO A 215 8.37 -33.65 -26.44
N ALA A 216 8.23 -34.44 -27.52
CA ALA A 216 7.44 -34.00 -28.66
C ALA A 216 6.03 -33.62 -28.22
N TRP A 217 5.49 -34.30 -27.21
CA TRP A 217 4.19 -33.96 -26.65
C TRP A 217 4.12 -32.51 -26.19
N LEU A 218 5.18 -32.03 -25.51
CA LEU A 218 5.20 -30.62 -25.07
C LEU A 218 5.23 -29.64 -26.26
N GLN A 219 5.96 -29.98 -27.35
CA GLN A 219 5.92 -29.20 -28.58
C GLN A 219 4.52 -29.18 -29.21
N GLN A 220 3.84 -30.32 -29.24
CA GLN A 220 2.44 -30.33 -29.67
C GLN A 220 1.58 -29.43 -28.77
N LEU A 221 1.85 -29.38 -27.44
CA LEU A 221 1.01 -28.50 -26.61
C LEU A 221 1.23 -27.04 -26.97
N ARG A 222 2.45 -26.76 -27.42
CA ARG A 222 2.82 -25.41 -27.78
C ARG A 222 2.01 -24.96 -28.98
N VAL A 223 1.57 -25.89 -29.86
CA VAL A 223 0.77 -25.45 -30.99
C VAL A 223 -0.71 -25.69 -30.72
N ALA A 224 -1.06 -26.48 -29.71
CA ALA A 224 -2.46 -26.64 -29.39
C ALA A 224 -3.07 -25.37 -28.79
N PRO A 225 -4.40 -25.24 -28.73
CA PRO A 225 -5.04 -24.12 -28.04
C PRO A 225 -4.85 -24.16 -26.51
N TYR A 226 -4.83 -22.95 -25.92
CA TYR A 226 -4.59 -22.72 -24.50
C TYR A 226 -5.33 -23.73 -23.66
N GLU A 227 -6.65 -23.84 -23.89
CA GLU A 227 -7.53 -24.62 -23.05
C GLU A 227 -7.15 -26.12 -23.12
N GLU A 228 -6.73 -26.57 -24.30
CA GLU A 228 -6.34 -27.97 -24.45
C GLU A 228 -4.97 -28.23 -23.78
N ALA A 229 -4.01 -27.33 -23.98
CA ALA A 229 -2.69 -27.44 -23.39
C ALA A 229 -2.81 -27.46 -21.86
N HIS A 230 -3.61 -26.56 -21.28
CA HIS A 230 -3.75 -26.43 -19.83
C HIS A 230 -4.27 -27.72 -19.21
N LYS A 231 -5.32 -28.24 -19.83
CA LYS A 231 -5.95 -29.45 -19.36
C LYS A 231 -4.99 -30.62 -19.50
N ALA A 232 -4.30 -30.73 -20.61
CA ALA A 232 -3.33 -31.81 -20.77
C ALA A 232 -2.27 -31.76 -19.67
N LEU A 233 -1.71 -30.57 -19.37
CA LEU A 233 -0.71 -30.44 -18.32
C LEU A 233 -1.25 -30.87 -16.97
N CYS A 234 -2.53 -30.57 -16.68
CA CYS A 234 -3.12 -30.90 -15.38
C CYS A 234 -3.29 -32.40 -15.20
N THR A 235 -3.03 -33.22 -16.23
CA THR A 235 -3.02 -34.67 -16.05
C THR A 235 -1.70 -35.12 -15.40
N LEU A 236 -0.68 -34.27 -15.30
CA LEU A 236 0.63 -34.69 -14.80
C LEU A 236 0.69 -34.60 -13.27
N PRO A 237 1.37 -35.58 -12.61
CA PRO A 237 1.65 -35.50 -11.17
C PRO A 237 2.31 -34.19 -10.71
N GLY A 238 1.68 -33.49 -9.76
CA GLY A 238 2.24 -32.26 -9.24
C GLY A 238 1.85 -31.03 -10.06
N VAL A 239 1.14 -31.21 -11.18
CA VAL A 239 0.79 -30.06 -11.98
C VAL A 239 -0.71 -29.82 -11.87
N GLY A 240 -1.09 -28.69 -11.25
CA GLY A 240 -2.47 -28.23 -11.25
C GLY A 240 -2.60 -26.93 -12.01
N ALA A 241 -3.74 -26.25 -11.79
CA ALA A 241 -4.13 -25.14 -12.63
C ALA A 241 -3.06 -24.06 -12.59
N LYS A 242 -2.53 -23.77 -11.39
CA LYS A 242 -1.56 -22.70 -11.27
C LYS A 242 -0.27 -23.06 -12.04
N VAL A 243 0.32 -24.19 -11.73
CA VAL A 243 1.56 -24.56 -12.41
C VAL A 243 1.36 -24.66 -13.92
N ALA A 244 0.25 -25.28 -14.31
CA ALA A 244 -0.06 -25.41 -15.72
C ALA A 244 -0.16 -24.05 -16.41
N ASP A 245 -0.77 -23.05 -15.74
CA ASP A 245 -0.86 -21.74 -16.36
C ASP A 245 0.51 -21.09 -16.45
N CYS A 246 1.38 -21.31 -15.44
CA CYS A 246 2.73 -20.82 -15.58
C CYS A 246 3.37 -21.34 -16.86
N ILE A 247 3.32 -22.66 -17.04
CA ILE A 247 3.95 -23.31 -18.18
C ILE A 247 3.33 -22.85 -19.49
N CYS A 248 1.97 -22.72 -19.52
CA CYS A 248 1.30 -22.19 -20.70
C CYS A 248 1.87 -20.84 -21.12
N LEU A 249 1.97 -19.92 -20.13
CA LEU A 249 2.38 -18.54 -20.37
C LEU A 249 3.84 -18.43 -20.81
N MET A 250 4.66 -19.21 -20.13
CA MET A 250 6.09 -19.00 -20.18
C MET A 250 6.78 -19.90 -21.19
N ALA A 251 6.15 -20.99 -21.61
CA ALA A 251 6.85 -21.94 -22.46
C ALA A 251 5.98 -22.46 -23.61
N LEU A 252 4.64 -22.27 -23.57
CA LEU A 252 3.82 -22.86 -24.61
C LEU A 252 3.05 -21.81 -25.41
N ASP A 253 3.51 -20.55 -25.35
CA ASP A 253 3.08 -19.46 -26.21
C ASP A 253 1.58 -19.18 -26.00
N LYS A 254 1.13 -19.20 -24.74
CA LYS A 254 -0.23 -18.83 -24.37
C LYS A 254 -0.21 -17.52 -23.57
N PRO A 255 -0.08 -16.38 -24.25
CA PRO A 255 0.04 -15.08 -23.57
C PRO A 255 -1.16 -14.69 -22.71
N GLN A 256 -2.30 -15.38 -22.86
CA GLN A 256 -3.53 -15.05 -22.15
C GLN A 256 -3.64 -15.83 -20.84
N ALA A 257 -2.70 -16.76 -20.62
CA ALA A 257 -2.75 -17.59 -19.41
C ALA A 257 -2.40 -16.71 -18.22
N VAL A 258 -3.21 -16.76 -17.18
CA VAL A 258 -3.02 -15.96 -15.98
C VAL A 258 -2.91 -16.92 -14.81
N PRO A 259 -1.69 -17.22 -14.25
CA PRO A 259 -1.63 -18.17 -13.14
C PRO A 259 -2.16 -17.53 -11.88
N VAL A 260 -3.20 -18.12 -11.33
CA VAL A 260 -3.86 -17.53 -10.20
C VAL A 260 -3.41 -18.27 -8.94
N ASP A 261 -2.78 -17.53 -8.03
CA ASP A 261 -2.39 -18.04 -6.73
C ASP A 261 -2.81 -17.00 -5.69
N VAL A 262 -2.45 -17.18 -4.41
CA VAL A 262 -2.74 -16.21 -3.35
C VAL A 262 -2.24 -14.80 -3.68
N HIS A 263 -1.12 -14.68 -4.37
CA HIS A 263 -0.57 -13.38 -4.68
C HIS A 263 -1.45 -12.61 -5.67
N VAL A 264 -1.92 -13.28 -6.72
CA VAL A 264 -2.86 -12.68 -7.66
C VAL A 264 -4.20 -12.36 -7.00
N TRP A 265 -4.66 -13.20 -6.06
CA TRP A 265 -5.89 -12.92 -5.31
C TRP A 265 -5.76 -11.61 -4.54
N GLN A 266 -4.67 -11.48 -3.81
CA GLN A 266 -4.36 -10.27 -3.06
C GLN A 266 -4.31 -9.04 -3.98
N ILE A 267 -3.67 -9.13 -5.14
CA ILE A 267 -3.63 -8.01 -6.08
C ILE A 267 -5.05 -7.67 -6.56
N ALA A 268 -5.82 -8.69 -6.95
CA ALA A 268 -7.16 -8.46 -7.46
C ALA A 268 -8.06 -7.80 -6.40
N HIS A 269 -7.99 -8.30 -5.17
CA HIS A 269 -8.81 -7.78 -4.11
C HIS A 269 -8.36 -6.38 -3.73
N ARG A 270 -7.06 -6.25 -3.45
CA ARG A 270 -6.52 -5.02 -2.91
C ARG A 270 -6.54 -3.92 -3.96
N ASP A 271 -5.99 -4.22 -5.12
CA ASP A 271 -5.68 -3.20 -6.10
C ASP A 271 -6.80 -3.00 -7.11
N TYR A 272 -7.68 -4.01 -7.27
CA TYR A 272 -8.76 -3.91 -8.25
C TYR A 272 -10.11 -3.86 -7.57
N GLY A 273 -10.18 -4.18 -6.26
CA GLY A 273 -11.46 -4.29 -5.57
C GLY A 273 -12.32 -5.46 -6.07
N TRP A 274 -11.69 -6.54 -6.50
CA TRP A 274 -12.42 -7.68 -7.03
C TRP A 274 -12.89 -8.61 -5.92
N HIS A 275 -14.09 -9.14 -6.09
CA HIS A 275 -14.61 -10.19 -5.27
C HIS A 275 -15.28 -11.16 -6.24
N PRO A 276 -15.28 -12.47 -5.96
CA PRO A 276 -15.99 -13.45 -6.80
C PRO A 276 -17.44 -13.02 -6.93
N LYS A 277 -17.95 -12.96 -8.17
CA LYS A 277 -19.34 -12.65 -8.43
C LYS A 277 -20.13 -13.96 -8.46
N THR A 278 -19.99 -14.69 -9.58
CA THR A 278 -20.79 -15.88 -9.87
C THR A 278 -20.59 -16.92 -8.76
N SER A 279 -19.33 -17.13 -8.36
CA SER A 279 -18.98 -18.05 -7.28
C SER A 279 -19.42 -17.48 -5.93
N GLN A 280 -19.53 -18.36 -4.91
CA GLN A 280 -20.01 -17.98 -3.59
C GLN A 280 -18.89 -17.97 -2.56
N ALA A 281 -17.72 -18.54 -2.90
CA ALA A 281 -16.61 -18.63 -1.97
C ALA A 281 -16.06 -17.22 -1.68
N LYS A 282 -15.93 -16.88 -0.40
CA LYS A 282 -15.33 -15.62 0.02
C LYS A 282 -13.86 -15.62 -0.43
N GLY A 283 -13.23 -16.80 -0.46
CA GLY A 283 -11.80 -16.92 -0.73
C GLY A 283 -11.51 -17.86 -1.90
N PRO A 284 -10.21 -18.16 -2.17
CA PRO A 284 -9.81 -19.09 -3.23
C PRO A 284 -10.59 -20.41 -3.23
N SER A 285 -10.85 -20.87 -4.45
CA SER A 285 -11.41 -22.17 -4.72
C SER A 285 -11.10 -22.40 -6.19
N PRO A 286 -11.07 -23.64 -6.70
CA PRO A 286 -10.79 -23.84 -8.13
C PRO A 286 -11.74 -23.02 -8.99
N LEU A 287 -13.01 -22.92 -8.61
CA LEU A 287 -13.95 -22.18 -9.43
C LEU A 287 -13.68 -20.68 -9.36
N ALA A 288 -13.43 -20.16 -8.15
CA ALA A 288 -13.24 -18.73 -8.01
C ALA A 288 -11.90 -18.35 -8.64
N ASN A 289 -10.92 -19.28 -8.65
CA ASN A 289 -9.62 -19.00 -9.23
C ASN A 289 -9.75 -18.89 -10.74
N LYS A 290 -10.58 -19.76 -11.31
CA LYS A 290 -10.87 -19.74 -12.72
C LYS A 290 -11.58 -18.44 -13.08
N GLU A 291 -12.58 -18.07 -12.29
CA GLU A 291 -13.30 -16.82 -12.47
C GLU A 291 -12.30 -15.65 -12.45
N LEU A 292 -11.32 -15.67 -11.56
CA LEU A 292 -10.44 -14.50 -11.48
C LEU A 292 -9.52 -14.41 -12.70
N GLY A 293 -9.05 -15.56 -13.21
CA GLY A 293 -8.26 -15.53 -14.42
C GLY A 293 -9.08 -14.99 -15.59
N ASN A 294 -10.34 -15.40 -15.67
CA ASN A 294 -11.26 -14.83 -16.69
C ASN A 294 -11.46 -13.32 -16.54
N PHE A 295 -11.53 -12.84 -15.28
CA PHE A 295 -11.63 -11.41 -15.04
C PHE A 295 -10.48 -10.64 -15.66
N PHE A 296 -9.25 -11.13 -15.42
CA PHE A 296 -8.07 -10.50 -15.96
C PHE A 296 -8.01 -10.56 -17.48
N ARG A 297 -8.35 -11.70 -18.12
CA ARG A 297 -8.35 -11.74 -19.56
C ARG A 297 -9.39 -10.74 -20.12
N ASN A 298 -10.51 -10.58 -19.45
CA ASN A 298 -11.59 -9.71 -19.91
C ASN A 298 -11.07 -8.27 -19.88
N LEU A 299 -10.30 -7.97 -18.84
CA LEU A 299 -9.78 -6.62 -18.63
C LEU A 299 -8.68 -6.27 -19.61
N TRP A 300 -7.64 -7.11 -19.68
CA TRP A 300 -6.44 -6.74 -20.39
C TRP A 300 -6.40 -7.26 -21.82
N GLY A 301 -7.11 -8.37 -22.11
CA GLY A 301 -7.04 -8.90 -23.46
C GLY A 301 -6.18 -10.16 -23.63
N PRO A 302 -5.86 -10.52 -24.90
CA PRO A 302 -5.10 -11.75 -25.16
C PRO A 302 -3.65 -11.80 -24.67
N TYR A 303 -3.12 -10.71 -24.09
CA TYR A 303 -1.80 -10.72 -23.47
C TYR A 303 -1.90 -10.44 -21.96
N ALA A 304 -2.98 -10.91 -21.33
CA ALA A 304 -3.23 -10.72 -19.93
C ALA A 304 -2.12 -11.33 -19.04
N GLY A 305 -1.62 -12.50 -19.45
CA GLY A 305 -0.53 -13.12 -18.69
C GLY A 305 0.71 -12.25 -18.65
N TRP A 306 1.00 -11.52 -19.74
CA TRP A 306 2.13 -10.62 -19.75
C TRP A 306 1.89 -9.42 -18.83
N ALA A 307 0.64 -8.95 -18.77
CA ALA A 307 0.31 -7.80 -17.93
C ALA A 307 0.51 -8.15 -16.47
N GLN A 308 -0.03 -9.28 -16.03
CA GLN A 308 0.07 -9.68 -14.64
C GLN A 308 1.55 -9.87 -14.25
N ALA A 309 2.41 -10.19 -15.23
CA ALA A 309 3.84 -10.37 -14.97
C ALA A 309 4.48 -9.07 -14.49
N VAL A 310 4.07 -7.95 -15.13
CA VAL A 310 4.52 -6.63 -14.70
C VAL A 310 4.22 -6.42 -13.22
N LEU A 311 3.00 -6.78 -12.79
CA LEU A 311 2.56 -6.57 -11.42
C LEU A 311 3.34 -7.49 -10.46
N PHE A 312 3.65 -8.71 -10.90
CA PHE A 312 4.44 -9.60 -10.08
C PHE A 312 5.84 -9.03 -9.88
N SER A 313 6.51 -8.70 -10.99
CA SER A 313 7.84 -8.14 -10.94
C SER A 313 7.88 -6.87 -10.09
N ALA A 314 6.90 -5.97 -10.32
CA ALA A 314 6.78 -4.75 -9.53
C ALA A 314 6.74 -5.08 -8.04
N ASP A 315 6.00 -6.12 -7.65
CA ASP A 315 5.76 -6.41 -6.24
C ASP A 315 6.98 -7.03 -5.57
N LEU A 316 7.80 -7.75 -6.35
CA LEU A 316 9.03 -8.33 -5.84
C LEU A 316 10.02 -7.25 -5.44
N ARG A 317 9.87 -6.01 -5.95
CA ARG A 317 10.76 -4.90 -5.62
C ARG A 317 10.19 -3.99 -4.52
N GLN A 318 10.17 -4.49 -3.27
CA GLN A 318 9.70 -3.74 -2.10
C GLN A 318 8.26 -3.25 -2.31
N HIS B 3 5.91 39.56 -29.97
CA HIS B 3 5.16 38.87 -28.87
C HIS B 3 5.53 39.59 -27.57
N MET B 4 5.56 38.85 -26.45
CA MET B 4 5.86 39.42 -25.14
C MET B 4 6.15 38.29 -24.15
N ARG B 5 6.87 38.60 -23.06
CA ARG B 5 7.43 37.58 -22.19
C ARG B 5 6.44 37.16 -21.09
N HIS B 6 6.33 35.82 -20.91
CA HIS B 6 5.90 35.24 -19.64
C HIS B 6 6.94 35.58 -18.57
N ARG B 7 6.44 36.05 -17.43
CA ARG B 7 7.27 36.59 -16.37
C ARG B 7 7.76 35.51 -15.42
N THR B 8 8.89 35.83 -14.77
CA THR B 8 9.31 35.30 -13.49
C THR B 8 9.30 36.47 -12.50
N LEU B 9 9.47 36.16 -11.21
CA LEU B 9 9.40 37.19 -10.18
C LEU B 9 10.69 38.04 -10.21
N SER B 10 11.81 37.37 -10.55
CA SER B 10 13.10 38.03 -10.69
C SER B 10 13.12 38.96 -11.89
N SER B 11 12.53 38.51 -13.02
CA SER B 11 12.57 39.21 -14.30
C SER B 11 11.79 40.53 -14.26
N SER B 12 10.77 40.63 -13.40
CA SER B 12 9.76 41.65 -13.55
C SER B 12 9.19 42.14 -12.22
N PRO B 13 9.97 42.12 -11.10
CA PRO B 13 9.40 42.18 -9.75
C PRO B 13 8.47 43.37 -9.49
N ALA B 14 8.65 44.45 -10.25
CA ALA B 14 7.79 45.61 -10.14
C ALA B 14 6.33 45.19 -10.37
N LEU B 15 6.10 44.37 -11.42
CA LEU B 15 4.78 44.20 -11.99
C LEU B 15 3.93 43.13 -11.28
N TRP B 16 4.43 42.58 -10.16
CA TRP B 16 3.72 41.58 -9.34
C TRP B 16 3.08 42.24 -8.13
N ALA B 17 1.97 41.68 -7.63
CA ALA B 17 1.45 41.95 -6.29
C ALA B 17 1.51 40.67 -5.45
N SER B 18 0.91 40.68 -4.24
CA SER B 18 0.74 39.45 -3.48
C SER B 18 -0.37 39.56 -2.41
N ILE B 19 -0.72 38.39 -1.85
CA ILE B 19 -1.77 38.23 -0.86
C ILE B 19 -1.24 37.38 0.29
N PRO B 20 -1.64 37.65 1.56
CA PRO B 20 -1.24 36.82 2.69
C PRO B 20 -1.84 35.42 2.53
N CYS B 21 -0.98 34.41 2.40
CA CYS B 21 -1.45 33.04 2.22
C CYS B 21 -0.42 32.04 2.71
N PRO B 22 -0.63 31.43 3.91
CA PRO B 22 0.23 30.36 4.39
C PRO B 22 0.22 29.22 3.38
N ARG B 23 1.36 28.56 3.16
CA ARG B 23 1.44 27.43 2.25
C ARG B 23 0.60 26.27 2.78
N SER B 24 0.34 26.27 4.10
CA SER B 24 -0.52 25.26 4.71
C SER B 24 -1.94 25.39 4.17
N GLU B 25 -2.31 26.61 3.73
CA GLU B 25 -3.65 26.94 3.29
C GLU B 25 -3.85 26.72 1.79
N LEU B 26 -2.75 26.74 1.01
CA LEU B 26 -2.82 26.59 -0.43
C LEU B 26 -1.45 26.20 -0.97
N ARG B 27 -1.41 25.10 -1.70
CA ARG B 27 -0.23 24.70 -2.45
C ARG B 27 -0.57 24.64 -3.93
N LEU B 28 -0.19 25.69 -4.65
CA LEU B 28 -0.57 25.85 -6.04
C LEU B 28 -0.39 24.53 -6.78
N ASP B 29 0.75 23.90 -6.54
CA ASP B 29 1.20 22.78 -7.35
C ASP B 29 0.41 21.51 -7.07
N LEU B 30 -0.38 21.47 -5.98
CA LEU B 30 -1.30 20.36 -5.72
C LEU B 30 -2.72 20.66 -6.19
N VAL B 31 -2.96 21.82 -6.82
CA VAL B 31 -4.31 22.33 -7.00
C VAL B 31 -4.54 22.71 -8.47
N LEU B 32 -3.58 23.44 -9.05
CA LEU B 32 -3.75 23.99 -10.40
C LEU B 32 -3.59 22.90 -11.46
N ALA B 33 -2.97 21.80 -11.06
CA ALA B 33 -2.56 20.75 -11.97
C ALA B 33 -3.33 19.46 -11.74
N SER B 34 -4.30 19.47 -10.81
CA SER B 34 -4.77 18.21 -10.26
C SER B 34 -6.25 17.96 -10.57
N GLY B 35 -6.67 18.31 -11.79
CA GLY B 35 -7.95 17.89 -12.33
C GLY B 35 -9.15 18.71 -11.88
N GLN B 36 -8.92 19.96 -11.46
CA GLN B 36 -10.03 20.85 -11.19
C GLN B 36 -10.18 21.77 -12.39
N SER B 37 -9.15 22.61 -12.59
CA SER B 37 -9.05 23.47 -13.75
C SER B 37 -8.09 22.82 -14.73
N PHE B 38 -8.31 23.04 -16.03
CA PHE B 38 -7.47 22.42 -17.05
C PHE B 38 -6.67 23.47 -17.81
N ARG B 39 -6.67 24.71 -17.31
CA ARG B 39 -6.09 25.84 -18.02
C ARG B 39 -4.88 26.48 -17.31
N TRP B 40 -4.17 25.74 -16.45
CA TRP B 40 -2.96 26.26 -15.80
C TRP B 40 -1.77 25.42 -16.22
N LYS B 41 -0.67 26.08 -16.61
CA LYS B 41 0.60 25.40 -16.85
C LYS B 41 1.70 26.07 -16.05
N GLU B 42 2.68 25.26 -15.63
CA GLU B 42 3.91 25.75 -15.03
C GLU B 42 4.84 26.13 -16.18
N GLN B 43 4.86 27.43 -16.53
CA GLN B 43 5.65 27.88 -17.67
C GLN B 43 7.13 27.85 -17.29
N SER B 44 7.51 28.61 -16.27
CA SER B 44 8.84 28.51 -15.70
C SER B 44 8.73 27.98 -14.28
N PRO B 45 9.78 27.38 -13.69
CA PRO B 45 9.76 26.96 -12.29
C PRO B 45 8.93 27.83 -11.35
N ALA B 46 7.91 27.20 -10.75
CA ALA B 46 7.04 27.80 -9.76
C ALA B 46 6.12 28.86 -10.36
N HIS B 47 6.09 28.97 -11.70
CA HIS B 47 5.37 30.05 -12.35
C HIS B 47 4.24 29.48 -13.20
N TRP B 48 3.06 29.37 -12.59
CA TRP B 48 1.87 28.77 -13.21
C TRP B 48 1.09 29.84 -13.96
N SER B 49 0.84 29.64 -15.25
CA SER B 49 0.16 30.67 -16.01
C SER B 49 -1.16 30.13 -16.53
N GLY B 50 -2.20 30.97 -16.54
CA GLY B 50 -3.47 30.53 -17.08
C GLY B 50 -4.45 31.67 -17.22
N VAL B 51 -5.65 31.31 -17.72
CA VAL B 51 -6.74 32.22 -17.99
C VAL B 51 -7.76 32.15 -16.88
N LEU B 52 -8.30 33.33 -16.53
CA LEU B 52 -9.42 33.53 -15.62
C LEU B 52 -10.33 34.63 -16.17
N ALA B 53 -11.60 34.29 -16.35
CA ALA B 53 -12.63 35.18 -16.86
C ALA B 53 -12.07 36.17 -17.88
N ASP B 54 -11.28 35.66 -18.85
CA ASP B 54 -10.83 36.44 -19.99
C ASP B 54 -9.65 37.35 -19.66
N GLN B 55 -8.72 36.88 -18.80
CA GLN B 55 -7.46 37.54 -18.51
C GLN B 55 -6.41 36.48 -18.18
N VAL B 56 -5.13 36.74 -18.48
CA VAL B 56 -4.06 35.79 -18.26
C VAL B 56 -3.26 36.15 -17.00
N TRP B 57 -2.81 35.13 -16.27
CA TRP B 57 -2.09 35.32 -15.03
C TRP B 57 -0.84 34.44 -15.01
N THR B 58 0.15 34.85 -14.19
CA THR B 58 1.19 33.95 -13.71
C THR B 58 1.17 33.97 -12.20
N LEU B 59 1.37 32.80 -11.57
CA LEU B 59 1.28 32.67 -10.12
C LEU B 59 2.53 31.99 -9.57
N THR B 60 2.94 32.44 -8.39
CA THR B 60 3.91 31.72 -7.60
C THR B 60 3.64 32.03 -6.13
N GLN B 61 4.44 31.44 -5.22
CA GLN B 61 4.18 31.69 -3.81
C GLN B 61 5.41 31.39 -2.96
N THR B 62 5.35 31.94 -1.75
CA THR B 62 6.35 31.67 -0.73
C THR B 62 5.61 31.07 0.47
N GLU B 63 6.39 30.63 1.46
CA GLU B 63 5.83 30.06 2.67
C GLU B 63 4.77 31.02 3.21
N ASP B 64 4.92 32.28 2.84
CA ASP B 64 4.26 33.38 3.50
C ASP B 64 3.11 33.91 2.62
N GLN B 65 3.37 34.04 1.31
CA GLN B 65 2.51 34.83 0.45
C GLN B 65 2.27 34.16 -0.90
N LEU B 66 1.16 34.56 -1.53
CA LEU B 66 0.79 34.14 -2.88
C LEU B 66 1.14 35.24 -3.88
N TYR B 67 2.14 34.96 -4.72
CA TYR B 67 2.67 35.93 -5.68
C TYR B 67 2.00 35.75 -7.04
N CYS B 68 1.65 36.87 -7.66
CA CYS B 68 0.92 36.85 -8.92
C CYS B 68 1.19 38.10 -9.74
N THR B 69 0.82 38.00 -11.03
CA THR B 69 0.97 39.04 -12.03
C THR B 69 -0.09 38.76 -13.10
N VAL B 70 -0.67 39.84 -13.65
CA VAL B 70 -1.75 39.76 -14.61
C VAL B 70 -1.27 40.35 -15.96
N TYR B 71 -1.82 39.83 -17.06
CA TYR B 71 -1.61 40.40 -18.36
C TYR B 71 -2.97 40.74 -18.98
N ARG B 72 -3.19 42.02 -19.24
CA ARG B 72 -4.28 42.55 -20.04
C ARG B 72 -3.70 43.08 -21.36
N GLN B 77 -1.42 48.99 -20.70
CA GLN B 77 -1.10 49.56 -19.37
C GLN B 77 0.25 49.05 -18.88
N VAL B 78 0.35 47.73 -18.66
CA VAL B 78 1.53 47.06 -18.13
C VAL B 78 1.72 47.46 -16.66
N SER B 79 0.83 46.99 -15.79
CA SER B 79 0.82 47.35 -14.37
C SER B 79 0.65 46.10 -13.51
N ARG B 80 1.00 46.20 -12.22
CA ARG B 80 0.74 45.12 -11.28
C ARG B 80 -0.78 44.90 -11.15
N PRO B 81 -1.20 43.72 -10.64
CA PRO B 81 -2.63 43.44 -10.44
C PRO B 81 -3.30 44.52 -9.60
N THR B 82 -4.52 44.90 -9.96
CA THR B 82 -5.29 45.81 -9.12
C THR B 82 -5.86 45.10 -7.89
N LEU B 83 -6.50 45.90 -7.04
CA LEU B 83 -7.23 45.42 -5.87
C LEU B 83 -8.25 44.35 -6.26
N GLU B 84 -9.06 44.65 -7.30
CA GLU B 84 -10.24 43.84 -7.63
C GLU B 84 -9.78 42.52 -8.26
N GLU B 85 -8.85 42.66 -9.22
CA GLU B 85 -8.14 41.52 -9.78
C GLU B 85 -7.60 40.64 -8.63
N LEU B 86 -6.97 41.24 -7.60
CA LEU B 86 -6.48 40.49 -6.44
C LEU B 86 -7.64 39.83 -5.68
N GLU B 87 -8.80 40.49 -5.64
CA GLU B 87 -9.95 39.91 -4.96
C GLU B 87 -10.45 38.68 -5.72
N THR B 88 -10.48 38.77 -7.06
CA THR B 88 -10.89 37.63 -7.88
C THR B 88 -9.99 36.47 -7.53
N LEU B 89 -8.69 36.74 -7.37
CA LEU B 89 -7.73 35.68 -7.15
C LEU B 89 -7.98 35.06 -5.78
N HIS B 90 -8.39 35.89 -4.81
CA HIS B 90 -8.75 35.44 -3.47
C HIS B 90 -10.02 34.59 -3.50
N LYS B 91 -11.03 34.98 -4.29
CA LYS B 91 -12.29 34.24 -4.34
C LYS B 91 -12.13 32.93 -5.14
N TYR B 92 -11.33 32.96 -6.21
CA TYR B 92 -11.01 31.76 -6.98
C TYR B 92 -10.43 30.66 -6.09
N PHE B 93 -9.55 31.05 -5.15
CA PHE B 93 -8.87 30.10 -4.29
C PHE B 93 -9.64 29.86 -2.98
N GLN B 94 -10.83 30.45 -2.86
CA GLN B 94 -11.72 30.33 -1.70
C GLN B 94 -10.92 30.56 -0.41
N LEU B 95 -10.09 31.59 -0.37
CA LEU B 95 -9.11 31.73 0.71
C LEU B 95 -9.77 32.10 2.04
N ASP B 96 -11.05 32.45 2.02
CA ASP B 96 -11.85 32.56 3.23
C ASP B 96 -11.82 31.27 4.03
N VAL B 97 -12.21 30.17 3.34
CA VAL B 97 -12.35 28.86 3.93
C VAL B 97 -11.06 28.46 4.63
N SER B 98 -11.17 28.16 5.93
CA SER B 98 -10.00 27.73 6.69
C SER B 98 -9.71 26.25 6.46
N LEU B 99 -8.62 25.98 5.75
CA LEU B 99 -8.18 24.63 5.49
C LEU B 99 -7.59 23.98 6.74
N ALA B 100 -7.00 24.81 7.63
CA ALA B 100 -6.46 24.33 8.90
C ALA B 100 -7.57 23.69 9.73
N GLN B 101 -8.75 24.32 9.74
CA GLN B 101 -9.87 23.81 10.52
C GLN B 101 -10.45 22.55 9.87
N LEU B 102 -10.52 22.49 8.53
CA LEU B 102 -11.15 21.34 7.87
C LEU B 102 -10.26 20.11 8.05
N TYR B 103 -8.98 20.22 7.74
CA TYR B 103 -8.03 19.12 7.91
C TYR B 103 -8.07 18.58 9.33
N SER B 104 -8.16 19.50 10.29
CA SER B 104 -8.20 19.14 11.69
C SER B 104 -9.45 18.31 11.98
N HIS B 105 -10.62 18.79 11.51
CA HIS B 105 -11.87 18.05 11.63
C HIS B 105 -11.74 16.67 10.99
N TRP B 106 -11.23 16.64 9.75
CA TRP B 106 -11.18 15.40 8.99
C TRP B 106 -10.25 14.43 9.68
N ALA B 107 -9.05 14.88 10.07
CA ALA B 107 -8.11 14.03 10.79
C ALA B 107 -8.66 13.52 12.12
N SER B 108 -9.64 14.22 12.72
CA SER B 108 -10.13 13.84 14.04
C SER B 108 -11.13 12.69 13.92
N VAL B 109 -11.83 12.61 12.79
CA VAL B 109 -12.83 11.57 12.62
C VAL B 109 -12.30 10.42 11.76
N ASP B 110 -11.08 10.53 11.19
CA ASP B 110 -10.63 9.63 10.13
C ASP B 110 -9.11 9.46 10.18
N SER B 111 -8.66 8.31 10.72
CA SER B 111 -7.25 8.02 10.90
C SER B 111 -6.52 7.81 9.58
N HIS B 112 -7.21 7.32 8.55
CA HIS B 112 -6.56 7.20 7.25
C HIS B 112 -6.21 8.59 6.70
N PHE B 113 -7.17 9.52 6.82
CA PHE B 113 -6.96 10.89 6.34
C PHE B 113 -5.78 11.51 7.08
N GLN B 114 -5.70 11.23 8.38
CA GLN B 114 -4.70 11.85 9.24
C GLN B 114 -3.32 11.55 8.67
N ARG B 115 -3.09 10.27 8.30
CA ARG B 115 -1.82 9.81 7.75
C ARG B 115 -1.51 10.45 6.40
N VAL B 116 -2.46 10.36 5.46
CA VAL B 116 -2.25 10.80 4.09
C VAL B 116 -1.99 12.30 4.05
N ALA B 117 -2.71 13.05 4.88
CA ALA B 117 -2.82 14.49 4.70
C ALA B 117 -1.58 15.23 5.20
N GLN B 118 -0.73 14.57 6.00
CA GLN B 118 0.39 15.24 6.61
C GLN B 118 1.35 15.79 5.57
N LYS B 119 1.62 14.99 4.54
CA LYS B 119 2.54 15.40 3.48
C LYS B 119 1.80 16.08 2.33
N PHE B 120 0.48 16.31 2.48
CA PHE B 120 -0.30 16.91 1.40
C PHE B 120 -1.20 18.01 1.95
N GLN B 121 -0.55 19.05 2.48
CA GLN B 121 -1.26 20.21 2.98
C GLN B 121 -1.61 21.12 1.80
N GLY B 122 -2.66 21.92 1.96
CA GLY B 122 -2.90 23.03 1.05
C GLY B 122 -3.69 22.62 -0.19
N VAL B 123 -4.42 21.50 -0.09
CA VAL B 123 -5.31 21.09 -1.17
C VAL B 123 -6.68 21.68 -0.89
N ARG B 124 -7.10 22.59 -1.75
CA ARG B 124 -8.42 23.16 -1.62
C ARG B 124 -9.10 23.06 -2.98
N LEU B 125 -10.36 23.47 -3.01
CA LEU B 125 -11.16 23.53 -4.22
C LEU B 125 -11.15 24.94 -4.75
N LEU B 126 -10.87 25.04 -6.05
CA LEU B 126 -11.11 26.26 -6.78
C LEU B 126 -12.61 26.44 -6.91
N ARG B 127 -13.04 27.69 -6.97
CA ARG B 127 -14.41 28.05 -7.28
C ARG B 127 -14.47 28.48 -8.75
N GLN B 128 -14.96 27.62 -9.64
CA GLN B 128 -14.79 27.86 -11.06
C GLN B 128 -16.06 28.44 -11.65
N ASP B 129 -15.87 29.10 -12.80
CA ASP B 129 -16.97 29.53 -13.66
C ASP B 129 -17.79 28.29 -14.04
N PRO B 130 -19.13 28.28 -13.82
CA PRO B 130 -19.95 27.11 -14.13
C PRO B 130 -19.87 26.69 -15.60
N THR B 131 -19.93 27.65 -16.53
CA THR B 131 -19.83 27.33 -17.94
C THR B 131 -18.57 26.53 -18.22
N GLU B 132 -17.43 27.05 -17.78
CA GLU B 132 -16.16 26.47 -18.12
C GLU B 132 -16.09 25.09 -17.50
N CYS B 133 -16.63 24.99 -16.28
CA CYS B 133 -16.54 23.74 -15.53
C CYS B 133 -17.35 22.68 -16.28
N LEU B 134 -18.60 23.01 -16.64
CA LEU B 134 -19.52 22.09 -17.27
C LEU B 134 -18.90 21.52 -18.53
N PHE B 135 -18.35 22.40 -19.37
CA PHE B 135 -17.91 21.98 -20.68
C PHE B 135 -16.57 21.28 -20.55
N SER B 136 -15.76 21.68 -19.57
CA SER B 136 -14.50 20.98 -19.33
C SER B 136 -14.80 19.55 -18.91
N PHE B 137 -15.84 19.35 -18.07
CA PHE B 137 -16.01 18.03 -17.52
C PHE B 137 -16.82 17.15 -18.48
N ILE B 138 -17.64 17.75 -19.33
CA ILE B 138 -18.16 17.02 -20.48
C ILE B 138 -16.99 16.45 -21.30
N CYS B 139 -15.86 17.15 -21.41
CA CYS B 139 -14.71 16.56 -22.08
C CYS B 139 -13.97 15.56 -21.19
N SER B 140 -14.53 15.23 -20.02
CA SER B 140 -13.86 14.46 -18.96
C SER B 140 -13.95 12.95 -19.20
N SER B 141 -15.08 12.55 -19.78
CA SER B 141 -15.45 11.14 -19.97
C SER B 141 -14.37 10.38 -20.71
N ASN B 142 -13.98 9.22 -20.14
CA ASN B 142 -13.02 8.31 -20.75
C ASN B 142 -11.74 9.07 -21.06
N ASN B 143 -11.24 9.83 -20.08
CA ASN B 143 -10.07 10.66 -20.30
C ASN B 143 -9.21 10.77 -19.05
N ASN B 144 -7.96 11.18 -19.26
CA ASN B 144 -7.08 11.56 -18.16
C ASN B 144 -6.84 13.09 -18.25
N ILE B 145 -6.01 13.60 -17.33
CA ILE B 145 -5.87 15.04 -17.17
C ILE B 145 -5.13 15.66 -18.35
N ALA B 146 -3.99 15.08 -18.75
CA ALA B 146 -3.23 15.62 -19.87
C ALA B 146 -4.12 15.81 -21.11
N ARG B 147 -4.96 14.81 -21.42
CA ARG B 147 -5.68 14.80 -22.67
C ARG B 147 -6.90 15.73 -22.62
N ILE B 148 -7.53 15.86 -21.45
CA ILE B 148 -8.61 16.82 -21.26
C ILE B 148 -8.05 18.22 -21.53
N THR B 149 -6.87 18.47 -20.98
CA THR B 149 -6.16 19.74 -21.08
C THR B 149 -6.03 20.15 -22.54
N GLY B 150 -5.59 19.20 -23.38
CA GLY B 150 -5.37 19.45 -24.81
C GLY B 150 -6.70 19.80 -25.48
N MET B 151 -7.77 19.07 -25.12
CA MET B 151 -9.06 19.29 -25.75
C MET B 151 -9.59 20.68 -25.39
N VAL B 152 -9.51 20.99 -24.09
CA VAL B 152 -10.01 22.25 -23.59
C VAL B 152 -9.28 23.38 -24.31
N GLU B 153 -7.96 23.25 -24.34
CA GLU B 153 -7.11 24.20 -25.04
C GLU B 153 -7.56 24.42 -26.49
N ARG B 154 -7.68 23.32 -27.25
CA ARG B 154 -8.04 23.42 -28.65
C ARG B 154 -9.46 23.98 -28.77
N LEU B 155 -10.31 23.69 -27.79
CA LEU B 155 -11.69 24.15 -27.85
C LEU B 155 -11.78 25.68 -27.65
N CYS B 156 -10.94 26.23 -26.75
CA CYS B 156 -10.94 27.67 -26.50
C CYS B 156 -10.37 28.44 -27.70
N GLN B 157 -9.30 27.90 -28.27
CA GLN B 157 -8.70 28.39 -29.51
C GLN B 157 -9.76 28.58 -30.61
N ALA B 158 -10.59 27.55 -30.78
CA ALA B 158 -11.49 27.47 -31.91
C ALA B 158 -12.73 28.35 -31.73
N PHE B 159 -13.31 28.40 -30.50
CA PHE B 159 -14.59 29.04 -30.27
C PHE B 159 -14.47 30.23 -29.31
N GLY B 160 -13.30 30.40 -28.68
CA GLY B 160 -13.16 31.40 -27.65
C GLY B 160 -12.40 32.62 -28.14
N PRO B 161 -12.69 33.84 -27.60
CA PRO B 161 -11.99 35.05 -28.02
C PRO B 161 -10.49 35.06 -27.68
N ARG B 162 -9.67 35.48 -28.65
CA ARG B 162 -8.22 35.60 -28.48
C ARG B 162 -7.91 36.75 -27.52
N LEU B 163 -7.03 36.54 -26.54
CA LEU B 163 -6.85 37.51 -25.47
C LEU B 163 -5.52 38.23 -25.65
N ILE B 164 -4.43 37.44 -25.67
CA ILE B 164 -3.06 37.89 -25.59
C ILE B 164 -2.17 36.73 -26.02
N GLN B 165 -0.99 37.05 -26.57
CA GLN B 165 0.10 36.09 -26.73
C GLN B 165 1.24 36.42 -25.78
N LEU B 166 1.85 35.36 -25.25
CA LEU B 166 3.12 35.44 -24.54
C LEU B 166 3.99 34.31 -25.07
N ASP B 167 5.20 34.66 -25.54
CA ASP B 167 6.12 33.68 -26.09
C ASP B 167 5.39 32.95 -27.21
N ASP B 168 5.43 31.61 -27.18
CA ASP B 168 4.69 30.74 -28.08
C ASP B 168 3.18 30.76 -27.78
N VAL B 169 2.81 30.94 -26.51
CA VAL B 169 1.46 30.59 -26.05
C VAL B 169 0.47 31.71 -26.36
N THR B 170 -0.52 31.43 -27.22
CA THR B 170 -1.65 32.32 -27.41
C THR B 170 -2.83 31.88 -26.56
N TYR B 171 -3.40 32.81 -25.79
CA TYR B 171 -4.38 32.50 -24.77
C TYR B 171 -5.77 32.93 -25.24
N HIS B 172 -6.76 32.06 -25.00
CA HIS B 172 -8.13 32.36 -25.36
C HIS B 172 -9.03 32.28 -24.15
N GLY B 173 -10.04 33.17 -24.10
CA GLY B 173 -11.10 33.07 -23.12
C GLY B 173 -11.96 31.84 -23.37
N PHE B 174 -12.63 31.35 -22.32
CA PHE B 174 -13.50 30.21 -22.47
C PHE B 174 -14.70 30.59 -23.33
N PRO B 175 -15.15 29.77 -24.29
CA PRO B 175 -16.26 30.16 -25.16
C PRO B 175 -17.55 30.31 -24.38
N ASN B 176 -18.47 31.11 -24.91
CA ASN B 176 -19.79 31.12 -24.30
C ASN B 176 -20.67 30.11 -25.06
N LEU B 177 -21.91 29.97 -24.58
CA LEU B 177 -22.88 29.01 -25.08
C LEU B 177 -23.27 29.30 -26.52
N HIS B 178 -23.39 30.58 -26.91
CA HIS B 178 -23.75 30.93 -28.27
C HIS B 178 -22.72 30.36 -29.23
N ALA B 179 -21.43 30.45 -28.87
CA ALA B 179 -20.39 29.94 -29.73
C ALA B 179 -20.54 28.42 -29.87
N LEU B 180 -20.70 27.71 -28.75
CA LEU B 180 -20.64 26.25 -28.76
C LEU B 180 -21.93 25.66 -29.34
N ALA B 181 -22.99 26.47 -29.39
CA ALA B 181 -24.28 26.05 -29.93
C ALA B 181 -24.47 26.54 -31.37
N GLY B 182 -23.81 25.88 -32.32
CA GLY B 182 -23.86 26.31 -33.70
C GLY B 182 -23.15 25.34 -34.64
N PRO B 183 -23.26 25.53 -35.97
CA PRO B 183 -22.99 24.46 -36.95
C PRO B 183 -21.71 23.64 -36.78
N GLU B 184 -20.61 24.01 -37.46
CA GLU B 184 -19.47 23.11 -37.64
C GLU B 184 -18.81 22.80 -36.29
N ALA B 185 -19.42 23.30 -35.21
CA ALA B 185 -19.09 22.92 -33.85
C ALA B 185 -18.52 21.52 -33.79
N GLU B 186 -19.35 20.52 -34.12
CA GLU B 186 -18.96 19.14 -33.84
C GLU B 186 -17.79 18.74 -34.72
N THR B 187 -17.83 19.00 -36.03
CA THR B 187 -16.79 18.52 -36.92
C THR B 187 -15.46 19.17 -36.54
N HIS B 188 -15.49 20.51 -36.43
CA HIS B 188 -14.34 21.26 -35.93
C HIS B 188 -13.84 20.49 -34.71
N LEU B 189 -14.73 20.31 -33.74
CA LEU B 189 -14.37 19.67 -32.48
C LEU B 189 -13.99 18.21 -32.69
N ARG B 190 -14.56 17.54 -33.71
CA ARG B 190 -14.21 16.16 -34.00
C ARG B 190 -12.81 16.08 -34.58
N LYS B 191 -12.42 17.05 -35.43
CA LYS B 191 -11.05 17.05 -35.93
C LYS B 191 -10.11 17.60 -34.86
N LEU B 192 -10.65 18.43 -33.95
CA LEU B 192 -9.91 18.87 -32.78
C LEU B 192 -9.89 17.78 -31.71
N GLY B 193 -10.54 16.65 -31.99
CA GLY B 193 -10.20 15.37 -31.36
C GLY B 193 -11.05 15.06 -30.14
N LEU B 194 -12.25 15.65 -30.05
CA LEU B 194 -13.13 15.42 -28.91
C LEU B 194 -13.84 14.07 -29.05
N GLY B 195 -14.00 13.59 -30.29
CA GLY B 195 -14.70 12.35 -30.51
C GLY B 195 -16.19 12.53 -30.22
N TYR B 196 -16.78 11.53 -29.57
CA TYR B 196 -18.21 11.55 -29.26
C TYR B 196 -18.59 12.74 -28.38
N ARG B 197 -17.64 13.23 -27.58
CA ARG B 197 -17.87 14.34 -26.66
C ARG B 197 -18.31 15.61 -27.40
N ALA B 198 -17.86 15.75 -28.65
CA ALA B 198 -18.17 16.93 -29.45
C ALA B 198 -19.69 17.09 -29.58
N ARG B 199 -20.39 15.95 -29.68
CA ARG B 199 -21.84 15.94 -29.78
C ARG B 199 -22.43 16.53 -28.49
N TYR B 200 -21.86 16.10 -27.36
CA TYR B 200 -22.34 16.45 -26.03
C TYR B 200 -22.19 17.96 -25.77
N VAL B 201 -21.06 18.51 -26.19
CA VAL B 201 -20.76 19.92 -26.04
C VAL B 201 -21.84 20.77 -26.74
N ARG B 202 -22.03 20.51 -28.05
CA ARG B 202 -22.95 21.33 -28.84
C ARG B 202 -24.36 21.21 -28.28
N ALA B 203 -24.77 19.98 -27.95
CA ALA B 203 -26.14 19.71 -27.54
C ALA B 203 -26.43 20.28 -26.14
N SER B 204 -25.45 20.22 -25.23
CA SER B 204 -25.63 20.83 -23.92
C SER B 204 -25.76 22.35 -24.02
N ALA B 205 -24.89 22.95 -24.82
CA ALA B 205 -24.97 24.38 -25.08
C ALA B 205 -26.34 24.73 -25.66
N LYS B 206 -26.74 24.01 -26.73
CA LYS B 206 -27.99 24.31 -27.39
C LYS B 206 -29.12 24.18 -26.40
N ALA B 207 -29.04 23.13 -25.57
CA ALA B 207 -30.08 22.81 -24.62
C ALA B 207 -30.20 23.91 -23.56
N ILE B 208 -29.07 24.43 -23.09
CA ILE B 208 -29.10 25.46 -22.07
C ILE B 208 -29.76 26.72 -22.63
N LEU B 209 -29.31 27.15 -23.81
CA LEU B 209 -29.86 28.36 -24.43
C LEU B 209 -31.35 28.18 -24.71
N GLU B 210 -31.66 27.14 -25.49
CA GLU B 210 -32.98 27.01 -26.10
C GLU B 210 -34.02 26.59 -25.08
N GLU B 211 -33.68 25.62 -24.22
CA GLU B 211 -34.70 25.02 -23.35
C GLU B 211 -34.64 25.58 -21.92
N GLN B 212 -33.54 26.23 -21.52
CA GLN B 212 -33.32 26.51 -20.11
C GLN B 212 -33.17 28.01 -19.83
N GLY B 213 -33.31 28.87 -20.86
CA GLY B 213 -33.33 30.32 -20.67
C GLY B 213 -31.95 30.95 -20.46
N GLY B 214 -30.93 30.40 -21.17
CA GLY B 214 -29.59 30.97 -21.26
C GLY B 214 -28.68 30.57 -20.11
N PRO B 215 -27.45 31.13 -20.01
CA PRO B 215 -26.52 30.77 -18.94
C PRO B 215 -27.02 31.12 -17.54
N ALA B 216 -28.01 32.03 -17.45
CA ALA B 216 -28.62 32.40 -16.18
C ALA B 216 -29.11 31.16 -15.42
N TRP B 217 -29.57 30.13 -16.14
CA TRP B 217 -29.90 28.84 -15.54
C TRP B 217 -28.75 28.29 -14.69
N LEU B 218 -27.51 28.36 -15.20
CA LEU B 218 -26.36 27.75 -14.50
C LEU B 218 -26.09 28.48 -13.19
N GLN B 219 -26.16 29.82 -13.22
CA GLN B 219 -25.99 30.63 -12.04
C GLN B 219 -27.06 30.32 -11.00
N GLN B 220 -28.26 29.96 -11.45
CA GLN B 220 -29.35 29.66 -10.54
C GLN B 220 -29.07 28.32 -9.83
N LEU B 221 -28.27 27.45 -10.44
CA LEU B 221 -27.94 26.18 -9.82
C LEU B 221 -26.90 26.43 -8.73
N ARG B 222 -26.07 27.46 -8.91
CA ARG B 222 -25.15 27.88 -7.87
C ARG B 222 -25.90 28.27 -6.60
N VAL B 223 -27.14 28.75 -6.73
CA VAL B 223 -27.93 29.10 -5.55
C VAL B 223 -28.88 27.95 -5.18
N ALA B 224 -29.33 27.16 -6.15
CA ALA B 224 -30.16 26.01 -5.83
C ALA B 224 -29.41 25.05 -4.90
N PRO B 225 -30.12 24.24 -4.09
CA PRO B 225 -29.49 23.27 -3.18
C PRO B 225 -29.01 22.07 -3.97
N TYR B 226 -28.22 21.24 -3.28
CA TYR B 226 -27.35 20.25 -3.93
C TYR B 226 -28.15 19.31 -4.83
N GLU B 227 -29.20 18.71 -4.30
CA GLU B 227 -29.93 17.66 -5.02
C GLU B 227 -30.57 18.20 -6.30
N GLU B 228 -31.22 19.36 -6.20
CA GLU B 228 -31.90 19.96 -7.33
C GLU B 228 -30.87 20.35 -8.41
N ALA B 229 -29.67 20.74 -7.97
CA ALA B 229 -28.62 21.08 -8.91
C ALA B 229 -28.13 19.82 -9.65
N HIS B 230 -27.78 18.77 -8.90
CA HIS B 230 -27.29 17.52 -9.49
C HIS B 230 -28.31 16.98 -10.49
N LYS B 231 -29.55 16.88 -10.01
CA LYS B 231 -30.71 16.51 -10.81
C LYS B 231 -30.77 17.34 -12.09
N ALA B 232 -30.72 18.66 -11.97
CA ALA B 232 -30.85 19.50 -13.14
C ALA B 232 -29.67 19.30 -14.11
N LEU B 233 -28.44 19.16 -13.59
CA LEU B 233 -27.28 18.91 -14.44
C LEU B 233 -27.39 17.56 -15.19
N CYS B 234 -27.94 16.53 -14.53
CA CYS B 234 -28.01 15.19 -15.10
C CYS B 234 -28.94 15.12 -16.34
N THR B 235 -29.83 16.12 -16.53
CA THR B 235 -30.67 16.19 -17.71
C THR B 235 -29.90 16.66 -18.93
N LEU B 236 -28.68 17.16 -18.74
CA LEU B 236 -27.91 17.62 -19.89
C LEU B 236 -27.32 16.42 -20.62
N PRO B 237 -27.27 16.48 -21.98
CA PRO B 237 -26.45 15.59 -22.80
C PRO B 237 -24.98 15.50 -22.40
N GLY B 238 -24.52 14.28 -22.12
CA GLY B 238 -23.12 14.06 -21.80
C GLY B 238 -22.88 14.20 -20.31
N VAL B 239 -23.93 14.48 -19.53
CA VAL B 239 -23.78 14.66 -18.09
C VAL B 239 -24.49 13.56 -17.31
N GLY B 240 -23.70 12.70 -16.68
CA GLY B 240 -24.21 11.79 -15.68
C GLY B 240 -23.82 12.16 -14.25
N ALA B 241 -24.00 11.22 -13.33
CA ALA B 241 -23.94 11.49 -11.90
C ALA B 241 -22.57 12.01 -11.48
N LYS B 242 -21.51 11.38 -11.99
CA LYS B 242 -20.16 11.71 -11.57
C LYS B 242 -19.80 13.12 -12.01
N VAL B 243 -20.09 13.46 -13.27
CA VAL B 243 -19.71 14.74 -13.83
C VAL B 243 -20.55 15.85 -13.17
N ALA B 244 -21.79 15.55 -12.83
CA ALA B 244 -22.66 16.51 -12.17
C ALA B 244 -22.10 16.81 -10.79
N ASP B 245 -21.51 15.80 -10.16
CA ASP B 245 -20.93 15.97 -8.84
C ASP B 245 -19.67 16.82 -8.93
N CYS B 246 -18.87 16.62 -9.98
CA CYS B 246 -17.73 17.48 -10.22
C CYS B 246 -18.20 18.93 -10.36
N ILE B 247 -19.20 19.19 -11.20
CA ILE B 247 -19.63 20.56 -11.42
C ILE B 247 -20.17 21.15 -10.12
N CYS B 248 -20.98 20.39 -9.39
CA CYS B 248 -21.55 20.83 -8.12
C CYS B 248 -20.47 21.28 -7.13
N LEU B 249 -19.42 20.46 -6.99
CA LEU B 249 -18.35 20.66 -6.03
C LEU B 249 -17.45 21.81 -6.44
N MET B 250 -17.18 21.92 -7.75
CA MET B 250 -16.13 22.78 -8.23
C MET B 250 -16.68 24.13 -8.69
N ALA B 251 -17.99 24.27 -8.87
CA ALA B 251 -18.51 25.47 -9.50
C ALA B 251 -19.87 25.91 -8.95
N LEU B 252 -20.62 25.00 -8.32
CA LEU B 252 -21.91 25.40 -7.83
C LEU B 252 -21.94 25.46 -6.32
N ASP B 253 -20.75 25.51 -5.70
CA ASP B 253 -20.57 25.72 -4.27
C ASP B 253 -21.35 24.70 -3.47
N LYS B 254 -21.16 23.43 -3.79
CA LYS B 254 -21.73 22.35 -3.02
C LYS B 254 -20.57 21.54 -2.45
N PRO B 255 -19.98 21.96 -1.31
CA PRO B 255 -18.78 21.30 -0.79
C PRO B 255 -18.99 19.86 -0.31
N GLN B 256 -20.25 19.45 -0.22
CA GLN B 256 -20.57 18.12 0.22
C GLN B 256 -20.64 17.16 -0.96
N ALA B 257 -20.54 17.65 -2.21
CA ALA B 257 -20.66 16.78 -3.38
C ALA B 257 -19.43 15.87 -3.46
N VAL B 258 -19.66 14.56 -3.58
CA VAL B 258 -18.59 13.60 -3.69
C VAL B 258 -18.76 12.86 -5.01
N PRO B 259 -17.95 13.19 -6.04
CA PRO B 259 -18.02 12.54 -7.34
C PRO B 259 -17.45 11.13 -7.25
N VAL B 260 -18.33 10.13 -7.50
CA VAL B 260 -17.97 8.74 -7.29
C VAL B 260 -17.67 8.13 -8.66
N ASP B 261 -16.42 7.72 -8.83
CA ASP B 261 -15.97 7.00 -10.03
C ASP B 261 -15.16 5.80 -9.55
N VAL B 262 -14.40 5.16 -10.44
CA VAL B 262 -13.63 3.97 -10.13
C VAL B 262 -12.52 4.28 -9.10
N HIS B 263 -11.95 5.49 -9.14
CA HIS B 263 -10.87 5.82 -8.23
C HIS B 263 -11.39 5.98 -6.80
N VAL B 264 -12.60 6.56 -6.64
CA VAL B 264 -13.20 6.64 -5.33
C VAL B 264 -13.58 5.27 -4.79
N TRP B 265 -14.10 4.37 -5.66
CA TRP B 265 -14.43 3.02 -5.23
C TRP B 265 -13.20 2.32 -4.68
N GLN B 266 -12.11 2.52 -5.39
CA GLN B 266 -10.86 1.89 -5.04
C GLN B 266 -10.38 2.38 -3.67
N ILE B 267 -10.36 3.71 -3.47
CA ILE B 267 -10.08 4.22 -2.14
C ILE B 267 -11.01 3.61 -1.09
N ALA B 268 -12.31 3.64 -1.36
CA ALA B 268 -13.25 3.27 -0.32
C ALA B 268 -13.04 1.82 0.08
N HIS B 269 -12.87 0.96 -0.93
CA HIS B 269 -12.73 -0.47 -0.68
C HIS B 269 -11.41 -0.77 0.04
N ARG B 270 -10.29 -0.30 -0.54
CA ARG B 270 -8.96 -0.62 -0.02
C ARG B 270 -8.68 0.07 1.32
N ASP B 271 -8.93 1.39 1.38
CA ASP B 271 -8.53 2.25 2.51
C ASP B 271 -9.56 2.32 3.63
N TYR B 272 -10.84 2.07 3.32
CA TYR B 272 -11.86 2.10 4.37
C TYR B 272 -12.58 0.78 4.56
N GLY B 273 -12.35 -0.24 3.73
CA GLY B 273 -12.99 -1.52 3.96
C GLY B 273 -14.45 -1.51 3.53
N TRP B 274 -14.81 -0.57 2.67
CA TRP B 274 -16.21 -0.37 2.31
C TRP B 274 -16.61 -1.33 1.19
N HIS B 275 -17.78 -1.94 1.38
CA HIS B 275 -18.51 -2.63 0.33
C HIS B 275 -19.95 -2.14 0.39
N PRO B 276 -20.66 -2.18 -0.75
CA PRO B 276 -22.08 -1.83 -0.76
C PRO B 276 -22.98 -2.87 -0.08
N LYS B 277 -24.04 -2.42 0.58
CA LYS B 277 -24.98 -3.32 1.25
C LYS B 277 -25.34 -4.54 0.38
N GLY B 283 -19.97 -4.01 -7.28
CA GLY B 283 -19.24 -3.18 -8.24
C GLY B 283 -20.00 -1.90 -8.61
N PRO B 284 -19.34 -0.88 -9.21
CA PRO B 284 -20.00 0.39 -9.54
C PRO B 284 -21.35 0.25 -10.25
N SER B 285 -22.42 0.68 -9.57
CA SER B 285 -23.78 0.70 -10.10
C SER B 285 -24.49 1.95 -9.58
N PRO B 286 -25.39 2.61 -10.36
CA PRO B 286 -25.93 3.91 -9.96
C PRO B 286 -26.24 4.02 -8.47
N LEU B 287 -26.89 2.99 -7.90
CA LEU B 287 -27.32 3.03 -6.51
C LEU B 287 -26.15 2.82 -5.56
N ALA B 288 -25.20 1.95 -5.89
CA ALA B 288 -24.06 1.78 -5.00
C ALA B 288 -23.19 3.04 -4.99
N ASN B 289 -23.11 3.73 -6.13
CA ASN B 289 -22.36 4.97 -6.26
C ASN B 289 -22.97 6.04 -5.36
N LYS B 290 -24.31 6.17 -5.39
CA LYS B 290 -24.97 7.11 -4.50
C LYS B 290 -24.69 6.78 -3.04
N GLU B 291 -24.81 5.49 -2.68
CA GLU B 291 -24.52 5.00 -1.34
C GLU B 291 -23.10 5.42 -0.93
N LEU B 292 -22.13 5.30 -1.84
CA LEU B 292 -20.74 5.58 -1.48
C LEU B 292 -20.56 7.06 -1.20
N GLY B 293 -21.21 7.91 -2.01
CA GLY B 293 -21.20 9.35 -1.78
C GLY B 293 -21.76 9.71 -0.40
N ASN B 294 -22.86 9.06 -0.02
CA ASN B 294 -23.48 9.23 1.29
C ASN B 294 -22.51 8.81 2.37
N PHE B 295 -21.79 7.72 2.10
CA PHE B 295 -20.88 7.21 3.11
C PHE B 295 -19.83 8.24 3.44
N PHE B 296 -19.25 8.87 2.39
CA PHE B 296 -18.19 9.82 2.64
C PHE B 296 -18.75 11.08 3.34
N ARG B 297 -19.98 11.51 3.02
CA ARG B 297 -20.56 12.64 3.75
C ARG B 297 -20.79 12.29 5.22
N ASN B 298 -21.31 11.09 5.49
CA ASN B 298 -21.39 10.60 6.86
C ASN B 298 -20.04 10.66 7.57
N LEU B 299 -18.95 10.27 6.89
CA LEU B 299 -17.67 10.18 7.57
C LEU B 299 -17.10 11.58 7.78
N TRP B 300 -17.13 12.45 6.77
CA TRP B 300 -16.34 13.67 6.86
C TRP B 300 -17.18 14.90 7.16
N GLY B 301 -18.48 14.85 6.90
CA GLY B 301 -19.36 15.99 7.09
C GLY B 301 -19.53 16.83 5.83
N PRO B 302 -19.90 18.13 5.96
CA PRO B 302 -20.41 18.91 4.82
C PRO B 302 -19.36 19.44 3.83
N TYR B 303 -18.08 19.29 4.14
CA TYR B 303 -17.01 19.50 3.19
C TYR B 303 -16.42 18.16 2.73
N ALA B 304 -17.25 17.13 2.57
CA ALA B 304 -16.74 15.81 2.19
C ALA B 304 -16.05 15.83 0.82
N GLY B 305 -16.60 16.65 -0.09
CA GLY B 305 -16.02 16.84 -1.42
C GLY B 305 -14.61 17.40 -1.40
N TRP B 306 -14.33 18.25 -0.40
CA TRP B 306 -13.00 18.81 -0.25
C TRP B 306 -12.06 17.75 0.32
N ALA B 307 -12.54 16.97 1.28
CA ALA B 307 -11.69 15.94 1.88
C ALA B 307 -11.26 14.90 0.85
N GLN B 308 -12.21 14.46 0.01
CA GLN B 308 -12.05 13.57 -1.13
C GLN B 308 -10.98 14.10 -2.10
N ALA B 309 -10.99 15.41 -2.39
CA ALA B 309 -10.02 16.09 -3.23
C ALA B 309 -8.60 15.98 -2.69
N VAL B 310 -8.47 15.93 -1.36
CA VAL B 310 -7.15 15.78 -0.77
C VAL B 310 -6.62 14.40 -1.14
N LEU B 311 -7.47 13.38 -1.02
CA LEU B 311 -7.02 12.02 -1.30
C LEU B 311 -6.70 11.86 -2.77
N PHE B 312 -7.40 12.59 -3.65
CA PHE B 312 -7.19 12.51 -5.09
C PHE B 312 -5.88 13.18 -5.50
N SER B 313 -5.62 14.40 -4.98
CA SER B 313 -4.39 15.12 -5.26
C SER B 313 -3.19 14.37 -4.68
N ALA B 314 -3.39 13.69 -3.54
CA ALA B 314 -2.36 12.86 -2.95
C ALA B 314 -2.10 11.59 -3.77
N ASP B 315 -3.14 11.01 -4.39
CA ASP B 315 -2.93 9.81 -5.19
C ASP B 315 -2.16 10.17 -6.48
N LEU B 316 -2.39 11.37 -7.04
CA LEU B 316 -1.49 11.90 -8.06
C LEU B 316 -0.12 12.10 -7.39
N GLY C 1 17.65 15.50 50.82
CA GLY C 1 18.50 14.77 49.84
C GLY C 1 18.68 15.58 48.55
N SER C 2 19.67 15.20 47.73
CA SER C 2 19.97 15.94 46.50
C SER C 2 18.85 15.76 45.49
N HIS C 3 18.66 16.77 44.65
CA HIS C 3 17.83 16.64 43.49
C HIS C 3 18.38 15.47 42.67
N MET C 4 17.47 14.60 42.22
CA MET C 4 17.84 13.40 41.51
C MET C 4 17.31 13.53 40.08
N ARG C 5 18.14 13.09 39.12
CA ARG C 5 17.83 13.23 37.71
C ARG C 5 17.71 11.84 37.08
N HIS C 6 16.95 11.77 35.97
CA HIS C 6 16.94 10.57 35.14
C HIS C 6 18.36 10.35 34.64
N ARG C 7 18.86 9.12 34.83
CA ARG C 7 20.22 8.70 34.49
C ARG C 7 20.36 8.34 33.00
N THR C 8 21.61 8.24 32.53
CA THR C 8 21.96 7.60 31.28
C THR C 8 23.09 6.59 31.51
N LEU C 9 23.46 5.87 30.43
CA LEU C 9 24.27 4.66 30.53
C LEU C 9 25.72 4.99 30.88
N SER C 10 26.16 6.17 30.41
CA SER C 10 27.47 6.70 30.75
C SER C 10 27.36 7.51 32.06
N SER C 11 26.52 8.55 32.06
CA SER C 11 26.22 9.34 33.25
C SER C 11 25.70 8.48 34.39
N SER C 12 26.63 7.69 34.96
CA SER C 12 26.50 7.02 36.26
C SER C 12 26.55 5.49 36.10
N PRO C 13 27.65 4.91 35.55
CA PRO C 13 27.63 3.55 35.01
C PRO C 13 27.63 2.39 35.99
N ALA C 14 28.09 2.66 37.23
CA ALA C 14 28.19 1.66 38.28
C ALA C 14 26.80 1.23 38.78
N LEU C 15 25.77 2.04 38.46
CA LEU C 15 24.39 1.77 38.84
C LEU C 15 23.63 1.00 37.75
N TRP C 16 24.29 0.72 36.62
CA TRP C 16 23.65 0.05 35.49
C TRP C 16 24.05 -1.42 35.45
N ALA C 17 23.04 -2.31 35.37
CA ALA C 17 23.27 -3.73 35.10
C ALA C 17 22.89 -3.99 33.65
N SER C 18 23.08 -5.24 33.21
CA SER C 18 22.74 -5.57 31.83
C SER C 18 22.19 -6.99 31.76
N ILE C 19 21.39 -7.23 30.71
CA ILE C 19 20.88 -8.55 30.38
C ILE C 19 21.34 -8.86 28.95
N PRO C 20 21.83 -10.11 28.67
CA PRO C 20 22.11 -10.51 27.30
C PRO C 20 20.77 -10.53 26.57
N CYS C 21 20.65 -9.68 25.54
CA CYS C 21 19.40 -9.47 24.82
C CYS C 21 19.69 -8.79 23.48
N PRO C 22 19.67 -9.54 22.36
CA PRO C 22 19.76 -8.92 21.02
C PRO C 22 18.59 -7.98 20.72
N ARG C 23 18.87 -6.95 19.91
CA ARG C 23 17.89 -5.96 19.50
C ARG C 23 16.88 -6.57 18.53
N SER C 24 17.21 -7.77 18.00
CA SER C 24 16.28 -8.54 17.19
C SER C 24 15.31 -9.32 18.07
N GLU C 25 15.62 -9.47 19.37
CA GLU C 25 14.70 -10.11 20.30
C GLU C 25 13.79 -9.10 21.00
N LEU C 26 14.16 -7.82 20.95
CA LEU C 26 13.45 -6.78 21.68
C LEU C 26 13.95 -5.43 21.20
N ARG C 27 13.01 -4.60 20.72
CA ARG C 27 13.24 -3.20 20.42
C ARG C 27 12.33 -2.39 21.34
N LEU C 28 12.96 -1.65 22.27
CA LEU C 28 12.23 -0.93 23.30
C LEU C 28 11.30 0.05 22.64
N ASP C 29 11.78 0.70 21.56
CA ASP C 29 11.08 1.79 20.90
C ASP C 29 9.81 1.32 20.20
N LEU C 30 9.65 0.00 19.98
CA LEU C 30 8.45 -0.53 19.35
C LEU C 30 7.52 -1.22 20.34
N VAL C 31 7.92 -1.31 21.62
CA VAL C 31 7.17 -2.06 22.61
C VAL C 31 6.67 -1.16 23.75
N LEU C 32 7.55 -0.28 24.30
CA LEU C 32 7.21 0.44 25.53
C LEU C 32 6.14 1.51 25.34
N ALA C 33 6.02 2.13 24.16
CA ALA C 33 4.93 3.08 23.93
C ALA C 33 4.07 2.67 22.74
N SER C 34 3.81 1.36 22.59
CA SER C 34 3.03 0.85 21.48
C SER C 34 1.74 0.19 21.97
N GLY C 35 1.11 0.82 22.97
CA GLY C 35 -0.26 0.54 23.34
C GLY C 35 -0.37 -0.69 24.23
N GLN C 36 0.76 -1.17 24.79
CA GLN C 36 0.73 -2.25 25.76
C GLN C 36 0.72 -1.64 27.16
N SER C 37 1.89 -1.28 27.68
CA SER C 37 1.99 -0.46 28.89
C SER C 37 1.88 1.03 28.54
N PHE C 38 1.32 1.83 29.46
CA PHE C 38 1.16 3.25 29.20
C PHE C 38 2.04 4.10 30.13
N ARG C 39 3.08 3.49 30.71
CA ARG C 39 3.80 4.12 31.82
C ARG C 39 5.28 4.32 31.49
N TRP C 40 5.68 4.12 30.23
CA TRP C 40 7.07 4.34 29.87
C TRP C 40 7.20 5.61 29.04
N LYS C 41 8.26 6.39 29.30
CA LYS C 41 8.57 7.59 28.54
C LYS C 41 10.05 7.63 28.26
N GLU C 42 10.38 8.06 27.03
CA GLU C 42 11.76 8.34 26.62
C GLU C 42 12.06 9.75 27.15
N GLN C 43 12.59 9.82 28.37
CA GLN C 43 12.87 11.08 29.05
C GLN C 43 14.15 11.69 28.47
N SER C 44 15.12 10.82 28.11
CA SER C 44 16.22 11.19 27.24
C SER C 44 16.37 10.17 26.10
N PRO C 45 17.09 10.51 25.00
CA PRO C 45 17.20 9.64 23.83
C PRO C 45 17.68 8.21 24.07
N ALA C 46 16.86 7.24 23.65
CA ALA C 46 17.19 5.83 23.77
C ALA C 46 17.19 5.36 25.23
N HIS C 47 16.54 6.14 26.11
CA HIS C 47 16.46 5.81 27.53
C HIS C 47 14.99 5.91 27.94
N TRP C 48 14.41 4.79 28.41
CA TRP C 48 12.98 4.80 28.71
C TRP C 48 12.80 4.70 30.21
N SER C 49 11.99 5.60 30.80
CA SER C 49 11.77 5.58 32.23
C SER C 49 10.31 5.30 32.55
N GLY C 50 10.08 4.50 33.59
CA GLY C 50 8.72 4.19 34.02
C GLY C 50 8.66 3.31 35.27
N VAL C 51 7.45 3.07 35.73
CA VAL C 51 7.25 2.34 36.98
C VAL C 51 6.99 0.87 36.67
N LEU C 52 7.75 0.01 37.34
CA LEU C 52 7.48 -1.41 37.32
C LEU C 52 7.28 -1.89 38.76
N ALA C 53 6.01 -2.06 39.16
CA ALA C 53 5.61 -2.55 40.47
C ALA C 53 6.24 -1.74 41.59
N ASP C 54 5.86 -0.47 41.70
CA ASP C 54 6.34 0.41 42.76
C ASP C 54 7.88 0.50 42.82
N GLN C 55 8.56 0.48 41.67
CA GLN C 55 9.94 0.92 41.55
C GLN C 55 10.07 1.64 40.22
N VAL C 56 10.91 2.70 40.15
CA VAL C 56 11.17 3.38 38.88
C VAL C 56 12.40 2.74 38.23
N TRP C 57 12.34 2.54 36.90
CA TRP C 57 13.45 2.03 36.13
C TRP C 57 13.77 2.97 34.98
N THR C 58 15.03 2.97 34.53
CA THR C 58 15.38 3.47 33.20
C THR C 58 16.08 2.36 32.42
N LEU C 59 15.65 2.23 31.16
CA LEU C 59 16.05 1.13 30.29
C LEU C 59 16.66 1.69 29.03
N THR C 60 17.70 1.00 28.52
CA THR C 60 18.29 1.31 27.23
C THR C 60 18.91 0.03 26.70
N GLN C 61 19.33 0.02 25.43
CA GLN C 61 19.88 -1.20 24.86
C GLN C 61 20.96 -0.90 23.82
N THR C 62 21.87 -1.87 23.65
CA THR C 62 22.73 -1.95 22.49
C THR C 62 22.35 -3.20 21.69
N GLU C 63 23.22 -3.58 20.73
CA GLU C 63 22.94 -4.66 19.79
C GLU C 63 22.69 -5.98 20.53
N ASP C 64 23.47 -6.25 21.57
CA ASP C 64 23.39 -7.52 22.29
C ASP C 64 22.93 -7.32 23.73
N GLN C 65 22.77 -6.06 24.16
CA GLN C 65 22.64 -5.74 25.57
C GLN C 65 21.39 -4.91 25.88
N LEU C 66 20.62 -5.35 26.88
CA LEU C 66 19.63 -4.51 27.55
C LEU C 66 20.22 -3.96 28.84
N TYR C 67 20.45 -2.64 28.90
CA TYR C 67 21.00 -1.98 30.08
C TYR C 67 19.86 -1.36 30.88
N CYS C 68 19.85 -1.62 32.20
CA CYS C 68 18.80 -1.16 33.09
C CYS C 68 19.36 -0.61 34.39
N THR C 69 18.64 0.39 34.94
CA THR C 69 18.91 0.98 36.23
C THR C 69 17.61 1.06 37.04
N VAL C 70 17.70 0.87 38.37
CA VAL C 70 16.56 1.05 39.25
C VAL C 70 16.81 2.20 40.22
N TYR C 71 15.82 3.08 40.33
CA TYR C 71 15.85 4.14 41.32
C TYR C 71 15.26 3.61 42.63
N ARG C 72 16.09 3.72 43.68
CA ARG C 72 15.68 3.64 45.06
C ARG C 72 15.76 5.05 45.64
N GLY C 73 14.97 5.30 46.69
CA GLY C 73 14.75 6.65 47.19
C GLY C 73 16.01 7.38 47.63
N ASP C 74 16.85 6.71 48.42
CA ASP C 74 17.86 7.38 49.26
C ASP C 74 19.24 7.25 48.61
N ASP C 75 20.27 7.56 49.40
CA ASP C 75 21.66 7.19 49.13
C ASP C 75 22.19 6.38 50.32
N VAL C 78 22.00 4.11 46.97
CA VAL C 78 21.83 3.78 45.53
C VAL C 78 22.83 2.68 45.15
N SER C 79 22.29 1.58 44.61
CA SER C 79 23.08 0.46 44.11
C SER C 79 22.49 -0.03 42.79
N ARG C 80 23.19 -0.97 42.14
CA ARG C 80 22.73 -1.63 40.92
C ARG C 80 21.39 -2.32 41.12
N PRO C 81 20.72 -2.78 40.04
CA PRO C 81 19.68 -3.80 40.15
C PRO C 81 20.20 -5.13 40.69
N THR C 82 19.43 -5.78 41.57
CA THR C 82 19.84 -7.05 42.15
C THR C 82 19.61 -8.17 41.14
N LEU C 83 20.03 -9.38 41.51
CA LEU C 83 19.72 -10.58 40.77
C LEU C 83 18.20 -10.75 40.70
N GLU C 84 17.53 -10.58 41.85
CA GLU C 84 16.09 -10.74 41.93
C GLU C 84 15.37 -9.76 40.99
N GLU C 85 15.86 -8.51 40.94
CA GLU C 85 15.21 -7.46 40.19
C GLU C 85 15.41 -7.69 38.69
N LEU C 86 16.60 -8.14 38.31
CA LEU C 86 16.93 -8.42 36.93
C LEU C 86 16.08 -9.57 36.38
N GLU C 87 15.67 -10.50 37.26
CA GLU C 87 14.80 -11.59 36.87
C GLU C 87 13.36 -11.11 36.73
N THR C 88 12.96 -10.11 37.51
CA THR C 88 11.67 -9.46 37.33
C THR C 88 11.53 -8.83 35.96
N LEU C 89 12.66 -8.29 35.46
CA LEU C 89 12.69 -7.59 34.19
C LEU C 89 12.71 -8.59 33.03
N HIS C 90 13.41 -9.71 33.24
CA HIS C 90 13.47 -10.81 32.29
C HIS C 90 12.08 -11.41 32.09
N LYS C 91 11.25 -11.41 33.15
CA LYS C 91 9.91 -11.95 33.09
C LYS C 91 8.96 -10.96 32.41
N TYR C 92 9.17 -9.68 32.73
CA TYR C 92 8.31 -8.64 32.21
C TYR C 92 8.40 -8.60 30.68
N PHE C 93 9.59 -8.89 30.16
CA PHE C 93 9.84 -8.89 28.73
C PHE C 93 9.70 -10.31 28.16
N GLN C 94 9.45 -11.31 29.01
CA GLN C 94 9.24 -12.70 28.65
C GLN C 94 10.35 -13.17 27.75
N LEU C 95 11.60 -13.01 28.22
CA LEU C 95 12.75 -13.21 27.37
C LEU C 95 13.05 -14.70 27.20
N ASP C 96 12.34 -15.56 27.94
CA ASP C 96 12.41 -16.99 27.73
C ASP C 96 11.89 -17.33 26.32
N VAL C 97 10.95 -16.51 25.81
CA VAL C 97 10.29 -16.76 24.53
C VAL C 97 11.20 -16.29 23.39
N SER C 98 11.42 -17.20 22.42
CA SER C 98 12.28 -16.91 21.27
C SER C 98 11.49 -16.24 20.16
N LEU C 99 11.76 -14.95 19.96
CA LEU C 99 11.12 -14.18 18.90
C LEU C 99 11.66 -14.60 17.54
N ALA C 100 12.96 -14.89 17.46
CA ALA C 100 13.59 -15.24 16.19
C ALA C 100 12.85 -16.44 15.59
N GLN C 101 12.47 -17.36 16.49
CA GLN C 101 11.76 -18.58 16.11
C GLN C 101 10.35 -18.22 15.65
N LEU C 102 9.65 -17.42 16.47
CA LEU C 102 8.28 -17.00 16.17
C LEU C 102 8.22 -16.28 14.83
N TYR C 103 9.02 -15.22 14.67
CA TYR C 103 9.11 -14.47 13.42
C TYR C 103 9.35 -15.41 12.23
N SER C 104 10.31 -16.33 12.39
CA SER C 104 10.61 -17.35 11.39
C SER C 104 9.36 -18.12 11.01
N HIS C 105 8.64 -18.62 12.02
CA HIS C 105 7.44 -19.41 11.81
C HIS C 105 6.38 -18.58 11.08
N TRP C 106 5.96 -17.44 11.67
CA TRP C 106 4.93 -16.57 11.08
C TRP C 106 5.28 -16.26 9.64
N ALA C 107 6.56 -15.93 9.39
CA ALA C 107 7.02 -15.54 8.06
C ALA C 107 6.97 -16.76 7.14
N SER C 108 7.00 -17.97 7.72
CA SER C 108 6.96 -19.18 6.92
C SER C 108 5.56 -19.37 6.36
N VAL C 109 4.54 -18.97 7.13
CA VAL C 109 3.14 -19.27 6.82
C VAL C 109 2.35 -18.01 6.41
N ASP C 110 3.03 -16.90 6.12
CA ASP C 110 2.33 -15.63 5.90
C ASP C 110 3.29 -14.65 5.25
N SER C 111 3.12 -14.43 3.94
CA SER C 111 4.09 -13.61 3.22
C SER C 111 3.83 -12.12 3.50
N HIS C 112 2.66 -11.78 4.05
CA HIS C 112 2.46 -10.39 4.44
C HIS C 112 3.32 -10.09 5.68
N PHE C 113 3.26 -10.99 6.67
CA PHE C 113 4.07 -10.84 7.87
C PHE C 113 5.54 -10.73 7.48
N GLN C 114 5.95 -11.61 6.56
CA GLN C 114 7.34 -11.73 6.14
C GLN C 114 7.86 -10.39 5.62
N ARG C 115 7.09 -9.70 4.77
CA ARG C 115 7.44 -8.36 4.29
C ARG C 115 7.49 -7.32 5.44
N VAL C 116 6.42 -7.23 6.23
CA VAL C 116 6.30 -6.19 7.23
C VAL C 116 7.40 -6.29 8.30
N ALA C 117 7.69 -7.52 8.72
CA ALA C 117 8.52 -7.82 9.88
C ALA C 117 10.00 -7.56 9.64
N GLN C 118 10.40 -7.29 8.40
CA GLN C 118 11.81 -7.06 8.12
C GLN C 118 12.23 -5.73 8.74
N LYS C 119 11.40 -4.70 8.58
CA LYS C 119 11.65 -3.39 9.15
C LYS C 119 11.39 -3.39 10.65
N PHE C 120 10.57 -4.32 11.17
CA PHE C 120 10.05 -4.23 12.53
C PHE C 120 10.32 -5.48 13.32
N GLN C 121 11.60 -5.74 13.59
CA GLN C 121 11.98 -6.85 14.45
C GLN C 121 11.91 -6.41 15.90
N GLY C 122 11.79 -7.41 16.80
CA GLY C 122 11.89 -7.20 18.24
C GLY C 122 10.58 -6.75 18.89
N VAL C 123 9.44 -6.95 18.21
CA VAL C 123 8.15 -6.65 18.82
C VAL C 123 7.68 -7.88 19.60
N ARG C 124 7.57 -7.71 20.92
CA ARG C 124 7.08 -8.76 21.79
C ARG C 124 6.05 -8.19 22.75
N LEU C 125 5.43 -9.08 23.54
CA LEU C 125 4.55 -8.58 24.58
C LEU C 125 5.22 -8.57 25.95
N LEU C 126 4.91 -7.48 26.65
CA LEU C 126 5.16 -7.33 28.07
C LEU C 126 4.19 -8.22 28.83
N ARG C 127 4.68 -8.78 29.94
CA ARG C 127 3.85 -9.50 30.90
C ARG C 127 3.48 -8.54 32.02
N GLN C 128 2.30 -7.94 31.89
CA GLN C 128 1.95 -6.82 32.74
C GLN C 128 1.26 -7.33 34.01
N ASP C 129 1.26 -6.49 35.05
CA ASP C 129 0.51 -6.78 36.25
C ASP C 129 -0.97 -6.75 35.88
N PRO C 130 -1.72 -7.86 36.13
CA PRO C 130 -3.14 -7.95 35.77
C PRO C 130 -3.95 -6.73 36.15
N THR C 131 -3.79 -6.20 37.38
CA THR C 131 -4.58 -5.08 37.89
C THR C 131 -4.32 -3.81 37.09
N GLU C 132 -3.05 -3.49 36.88
CA GLU C 132 -2.69 -2.29 36.15
C GLU C 132 -3.26 -2.38 34.73
N CYS C 133 -3.11 -3.54 34.10
CA CYS C 133 -3.52 -3.71 32.71
C CYS C 133 -5.03 -3.51 32.58
N LEU C 134 -5.80 -4.23 33.42
CA LEU C 134 -7.26 -4.15 33.49
C LEU C 134 -7.72 -2.70 33.62
N PHE C 135 -7.26 -1.97 34.66
CA PHE C 135 -7.80 -0.65 34.92
C PHE C 135 -7.26 0.38 33.92
N SER C 136 -6.07 0.14 33.36
CA SER C 136 -5.55 1.01 32.31
C SER C 136 -6.45 0.95 31.08
N PHE C 137 -6.89 -0.27 30.74
CA PHE C 137 -7.75 -0.47 29.58
C PHE C 137 -9.24 -0.17 29.84
N ILE C 138 -9.69 -0.04 31.10
CA ILE C 138 -11.04 0.47 31.34
C ILE C 138 -11.08 1.98 31.14
N CYS C 139 -10.10 2.55 30.42
CA CYS C 139 -10.08 3.97 30.09
C CYS C 139 -9.81 4.15 28.59
N SER C 140 -10.22 3.17 27.76
CA SER C 140 -9.70 2.99 26.41
C SER C 140 -10.58 3.63 25.32
N SER C 141 -11.90 3.46 25.46
CA SER C 141 -12.85 3.70 24.38
C SER C 141 -12.68 5.11 23.80
N ASN C 142 -12.50 5.14 22.46
CA ASN C 142 -12.35 6.34 21.65
C ASN C 142 -10.91 6.86 21.72
N ASN C 143 -10.28 6.68 22.89
CA ASN C 143 -9.03 7.34 23.20
C ASN C 143 -7.89 6.65 22.47
N ASN C 144 -7.02 7.49 21.89
CA ASN C 144 -5.72 7.09 21.39
C ASN C 144 -4.82 6.69 22.56
N ILE C 145 -3.56 6.34 22.23
CA ILE C 145 -2.53 6.00 23.19
C ILE C 145 -2.20 7.18 24.10
N ALA C 146 -2.01 8.38 23.51
CA ALA C 146 -1.59 9.56 24.27
C ALA C 146 -2.60 9.87 25.39
N ARG C 147 -3.89 9.78 25.08
CA ARG C 147 -4.92 10.18 26.02
C ARG C 147 -4.99 9.18 27.16
N ILE C 148 -4.90 7.88 26.82
CA ILE C 148 -4.85 6.84 27.84
C ILE C 148 -3.63 7.10 28.72
N THR C 149 -2.48 7.45 28.09
CA THR C 149 -1.24 7.66 28.82
C THR C 149 -1.43 8.76 29.86
N GLY C 150 -2.18 9.82 29.49
CA GLY C 150 -2.46 10.94 30.37
C GLY C 150 -3.39 10.53 31.52
N MET C 151 -4.43 9.76 31.21
CA MET C 151 -5.39 9.33 32.22
C MET C 151 -4.71 8.48 33.29
N VAL C 152 -3.88 7.52 32.86
CA VAL C 152 -3.22 6.61 33.75
C VAL C 152 -2.29 7.37 34.68
N GLU C 153 -1.51 8.33 34.15
CA GLU C 153 -0.63 9.14 34.98
C GLU C 153 -1.45 9.89 36.05
N ARG C 154 -2.51 10.59 35.64
CA ARG C 154 -3.31 11.36 36.57
C ARG C 154 -3.93 10.40 37.59
N LEU C 155 -4.40 9.24 37.13
CA LEU C 155 -4.94 8.21 38.00
C LEU C 155 -3.90 7.78 39.05
N CYS C 156 -2.67 7.51 38.60
CA CYS C 156 -1.64 7.06 39.52
C CYS C 156 -1.26 8.18 40.49
N GLN C 157 -1.23 9.42 39.98
CA GLN C 157 -0.90 10.60 40.77
C GLN C 157 -1.84 10.75 41.96
N ALA C 158 -3.14 10.59 41.68
CA ALA C 158 -4.21 10.88 42.61
C ALA C 158 -4.39 9.75 43.62
N PHE C 159 -4.17 8.49 43.19
CA PHE C 159 -4.66 7.34 43.93
C PHE C 159 -3.53 6.41 44.38
N GLY C 160 -2.34 6.57 43.79
CA GLY C 160 -1.29 5.58 44.00
C GLY C 160 -0.19 6.12 44.91
N PRO C 161 0.60 5.25 45.56
CA PRO C 161 1.64 5.70 46.49
C PRO C 161 2.74 6.45 45.73
N ARG C 162 3.17 7.59 46.27
CA ARG C 162 4.25 8.37 45.68
C ARG C 162 5.55 7.61 45.89
N LEU C 163 6.38 7.51 44.82
CA LEU C 163 7.57 6.67 44.89
C LEU C 163 8.84 7.51 45.00
N ILE C 164 9.08 8.36 44.00
CA ILE C 164 10.29 9.15 43.88
C ILE C 164 10.05 10.26 42.87
N GLN C 165 10.94 11.26 42.86
CA GLN C 165 10.89 12.31 41.86
C GLN C 165 12.24 12.38 41.15
N LEU C 166 12.16 12.39 39.81
CA LEU C 166 13.33 12.51 38.94
C LEU C 166 13.10 13.68 37.99
N ASP C 167 14.12 14.55 37.87
CA ASP C 167 13.92 15.85 37.25
C ASP C 167 12.61 16.39 37.80
N ASP C 168 11.67 16.78 36.93
CA ASP C 168 10.44 17.41 37.41
C ASP C 168 9.24 16.48 37.26
N VAL C 169 9.47 15.16 37.32
CA VAL C 169 8.42 14.17 37.19
C VAL C 169 8.29 13.42 38.52
N THR C 170 7.07 13.36 39.05
CA THR C 170 6.79 12.56 40.24
C THR C 170 6.15 11.22 39.89
N TYR C 171 6.86 10.15 40.20
CA TYR C 171 6.43 8.80 39.88
C TYR C 171 5.56 8.25 41.01
N HIS C 172 4.39 7.70 40.64
CA HIS C 172 3.51 7.04 41.57
C HIS C 172 3.36 5.57 41.19
N GLY C 173 3.19 4.70 42.19
CA GLY C 173 2.75 3.33 41.96
C GLY C 173 1.34 3.31 41.38
N PHE C 174 0.95 2.16 40.82
CA PHE C 174 -0.42 1.99 40.36
C PHE C 174 -1.30 1.78 41.60
N PRO C 175 -2.47 2.46 41.72
CA PRO C 175 -3.38 2.21 42.85
C PRO C 175 -3.68 0.73 43.11
N ASN C 176 -3.87 0.38 44.38
CA ASN C 176 -4.42 -0.92 44.73
C ASN C 176 -5.94 -0.82 44.62
N LEU C 177 -6.59 -1.97 44.71
CA LEU C 177 -8.03 -2.10 44.58
C LEU C 177 -8.75 -1.23 45.63
N HIS C 178 -8.29 -1.33 46.89
CA HIS C 178 -8.81 -0.53 47.99
C HIS C 178 -9.02 0.93 47.53
N ALA C 179 -7.95 1.52 46.99
CA ALA C 179 -7.94 2.92 46.59
C ALA C 179 -9.05 3.21 45.58
N LEU C 180 -9.29 2.24 44.69
CA LEU C 180 -10.20 2.45 43.58
C LEU C 180 -11.63 2.08 43.95
N ALA C 181 -11.79 1.17 44.93
CA ALA C 181 -13.10 0.68 45.35
C ALA C 181 -13.76 1.62 46.37
N GLY C 182 -13.01 2.59 46.89
CA GLY C 182 -13.43 3.40 48.03
C GLY C 182 -14.71 4.20 47.79
N PRO C 183 -15.34 4.76 48.85
CA PRO C 183 -16.66 5.40 48.76
C PRO C 183 -16.72 6.73 48.00
N GLU C 184 -15.66 7.53 48.08
CA GLU C 184 -15.59 8.79 47.36
C GLU C 184 -14.79 8.63 46.07
N ALA C 185 -14.33 7.41 45.79
CA ALA C 185 -13.47 7.12 44.65
C ALA C 185 -14.01 7.79 43.38
N GLU C 186 -15.29 7.55 43.08
CA GLU C 186 -15.89 7.90 41.80
C GLU C 186 -15.85 9.41 41.58
N THR C 187 -16.28 10.18 42.60
CA THR C 187 -16.23 11.63 42.56
C THR C 187 -14.83 12.07 42.10
N HIS C 188 -13.81 11.63 42.85
CA HIS C 188 -12.43 12.03 42.66
C HIS C 188 -12.01 11.69 41.22
N LEU C 189 -12.35 10.47 40.76
CA LEU C 189 -11.97 9.98 39.44
C LEU C 189 -12.62 10.81 38.33
N ARG C 190 -13.86 11.26 38.58
CA ARG C 190 -14.68 11.89 37.54
C ARG C 190 -14.18 13.30 37.28
N LYS C 191 -13.42 13.87 38.24
CA LYS C 191 -12.77 15.14 38.06
C LYS C 191 -11.60 15.00 37.06
N LEU C 192 -10.97 13.82 37.06
CA LEU C 192 -9.77 13.58 36.25
C LEU C 192 -10.11 13.38 34.78
N GLY C 193 -11.40 13.48 34.41
CA GLY C 193 -11.82 13.46 33.01
C GLY C 193 -12.30 12.09 32.52
N LEU C 194 -12.41 11.11 33.45
CA LEU C 194 -12.70 9.72 33.12
C LEU C 194 -14.10 9.56 32.49
N GLY C 195 -14.95 10.57 32.67
CA GLY C 195 -16.30 10.56 32.12
C GLY C 195 -17.07 9.34 32.62
N TYR C 196 -17.69 8.63 31.67
CA TYR C 196 -18.61 7.54 31.95
C TYR C 196 -17.92 6.40 32.72
N ARG C 197 -16.64 6.16 32.44
CA ARG C 197 -16.00 4.92 32.87
C ARG C 197 -15.59 5.01 34.34
N ALA C 198 -15.64 6.20 34.95
CA ALA C 198 -15.25 6.39 36.33
C ALA C 198 -16.00 5.42 37.26
N ARG C 199 -17.24 5.06 36.87
CA ARG C 199 -18.11 4.20 37.68
C ARG C 199 -17.68 2.74 37.51
N TYR C 200 -17.40 2.34 36.26
CA TYR C 200 -16.99 0.98 35.94
C TYR C 200 -15.62 0.68 36.55
N VAL C 201 -14.77 1.70 36.72
CA VAL C 201 -13.51 1.52 37.44
C VAL C 201 -13.81 1.14 38.89
N ARG C 202 -14.65 1.92 39.55
CA ARG C 202 -14.99 1.63 40.94
C ARG C 202 -15.65 0.26 41.03
N ALA C 203 -16.71 0.08 40.23
CA ALA C 203 -17.52 -1.13 40.25
C ALA C 203 -16.65 -2.38 40.12
N SER C 204 -15.73 -2.36 39.14
CA SER C 204 -14.89 -3.51 38.86
C SER C 204 -13.90 -3.74 40.01
N ALA C 205 -13.40 -2.64 40.60
CA ALA C 205 -12.50 -2.73 41.73
C ALA C 205 -13.24 -3.39 42.90
N LYS C 206 -14.44 -2.89 43.18
CA LYS C 206 -15.26 -3.40 44.26
C LYS C 206 -15.62 -4.88 43.99
N ALA C 207 -16.08 -5.17 42.77
CA ALA C 207 -16.36 -6.54 42.38
C ALA C 207 -15.19 -7.46 42.77
N ILE C 208 -13.96 -7.09 42.40
CA ILE C 208 -12.83 -7.98 42.52
C ILE C 208 -12.45 -8.17 43.99
N LEU C 209 -12.36 -7.06 44.74
CA LEU C 209 -12.14 -7.13 46.18
C LEU C 209 -13.16 -8.07 46.81
N GLU C 210 -14.44 -7.69 46.72
CA GLU C 210 -15.52 -8.33 47.45
C GLU C 210 -15.96 -9.61 46.75
N GLU C 211 -16.75 -9.46 45.69
CA GLU C 211 -17.40 -10.59 45.04
C GLU C 211 -16.37 -11.70 44.76
N GLN C 212 -15.38 -11.41 43.90
CA GLN C 212 -14.53 -12.45 43.32
C GLN C 212 -13.48 -12.89 44.36
N GLY C 213 -12.88 -11.93 45.07
CA GLY C 213 -12.18 -12.23 46.32
C GLY C 213 -10.82 -11.55 46.54
N GLY C 214 -10.41 -10.62 45.66
CA GLY C 214 -9.15 -9.88 45.79
C GLY C 214 -8.23 -10.07 44.60
N PRO C 215 -7.00 -9.49 44.60
CA PRO C 215 -6.10 -9.57 43.44
C PRO C 215 -5.60 -10.97 43.05
N ALA C 216 -5.59 -11.91 44.01
CA ALA C 216 -5.27 -13.31 43.74
C ALA C 216 -6.24 -13.91 42.71
N TRP C 217 -7.45 -13.35 42.59
CA TRP C 217 -8.42 -13.80 41.61
C TRP C 217 -7.88 -13.63 40.18
N LEU C 218 -7.39 -12.43 39.85
CA LEU C 218 -6.81 -12.15 38.55
C LEU C 218 -5.66 -13.11 38.26
N GLN C 219 -4.84 -13.40 39.27
CA GLN C 219 -3.73 -14.35 39.14
C GLN C 219 -4.21 -15.76 38.81
N GLN C 220 -5.42 -16.11 39.28
CA GLN C 220 -6.02 -17.41 39.01
C GLN C 220 -6.37 -17.51 37.52
N LEU C 221 -6.96 -16.42 36.96
CA LEU C 221 -7.24 -16.41 35.53
C LEU C 221 -5.97 -16.67 34.73
N ARG C 222 -4.80 -16.41 35.33
CA ARG C 222 -3.52 -16.60 34.66
C ARG C 222 -3.26 -18.09 34.42
N VAL C 223 -3.75 -18.97 35.29
CA VAL C 223 -3.58 -20.42 35.11
C VAL C 223 -4.82 -21.03 34.45
N ALA C 224 -5.93 -20.29 34.41
CA ALA C 224 -7.12 -20.72 33.68
C ALA C 224 -6.78 -20.89 32.19
N PRO C 225 -7.50 -21.75 31.42
CA PRO C 225 -7.35 -21.77 29.96
C PRO C 225 -7.92 -20.48 29.38
N TYR C 226 -7.43 -20.11 28.20
CA TYR C 226 -7.81 -18.86 27.54
C TYR C 226 -9.32 -18.61 27.69
N GLU C 227 -10.14 -19.59 27.31
CA GLU C 227 -11.57 -19.36 27.10
C GLU C 227 -12.25 -19.00 28.43
N GLU C 228 -11.76 -19.60 29.53
CA GLU C 228 -12.31 -19.36 30.87
C GLU C 228 -11.96 -17.95 31.35
N ALA C 229 -10.72 -17.53 31.05
CA ALA C 229 -10.23 -16.25 31.56
C ALA C 229 -10.97 -15.12 30.86
N HIS C 230 -11.14 -15.27 29.54
CA HIS C 230 -11.85 -14.29 28.72
C HIS C 230 -13.30 -14.14 29.19
N LYS C 231 -13.98 -15.29 29.31
CA LYS C 231 -15.34 -15.37 29.81
C LYS C 231 -15.43 -14.67 31.15
N ALA C 232 -14.48 -15.01 32.04
CA ALA C 232 -14.40 -14.48 33.39
C ALA C 232 -14.19 -12.95 33.40
N LEU C 233 -13.34 -12.41 32.50
CA LEU C 233 -13.13 -10.97 32.48
C LEU C 233 -14.37 -10.24 31.99
N CYS C 234 -15.13 -10.87 31.08
CA CYS C 234 -16.32 -10.27 30.49
C CYS C 234 -17.45 -10.14 31.52
N THR C 235 -17.34 -10.87 32.65
CA THR C 235 -18.15 -10.64 33.85
C THR C 235 -18.10 -9.18 34.31
N LEU C 236 -16.90 -8.57 34.27
CA LEU C 236 -16.66 -7.34 35.01
C LEU C 236 -17.29 -6.15 34.30
N PRO C 237 -17.86 -5.18 35.06
CA PRO C 237 -18.39 -3.95 34.48
C PRO C 237 -17.35 -3.13 33.72
N GLY C 238 -17.78 -2.62 32.56
CA GLY C 238 -16.96 -1.78 31.71
C GLY C 238 -16.04 -2.57 30.78
N VAL C 239 -16.08 -3.90 30.85
CA VAL C 239 -15.12 -4.75 30.17
C VAL C 239 -15.83 -5.56 29.08
N GLY C 240 -15.53 -5.22 27.81
CA GLY C 240 -16.06 -5.92 26.65
C GLY C 240 -15.08 -6.98 26.17
N ALA C 241 -15.40 -7.61 25.02
CA ALA C 241 -14.60 -8.71 24.49
C ALA C 241 -13.21 -8.22 24.11
N LYS C 242 -13.11 -6.98 23.60
CA LYS C 242 -11.85 -6.46 23.07
C LYS C 242 -10.84 -6.32 24.21
N VAL C 243 -11.28 -5.60 25.25
CA VAL C 243 -10.46 -5.30 26.41
C VAL C 243 -10.08 -6.60 27.11
N ALA C 244 -11.06 -7.50 27.27
CA ALA C 244 -10.79 -8.80 27.89
C ALA C 244 -9.68 -9.53 27.13
N ASP C 245 -9.68 -9.41 25.80
CA ASP C 245 -8.66 -10.01 24.94
C ASP C 245 -7.29 -9.35 25.13
N CYS C 246 -7.26 -8.01 25.21
CA CYS C 246 -6.02 -7.29 25.50
C CYS C 246 -5.42 -7.82 26.80
N ILE C 247 -6.24 -7.90 27.84
CA ILE C 247 -5.78 -8.33 29.16
C ILE C 247 -5.27 -9.78 29.07
N CYS C 248 -6.04 -10.68 28.45
CA CYS C 248 -5.58 -12.05 28.27
C CYS C 248 -4.19 -12.11 27.64
N LEU C 249 -4.00 -11.28 26.61
CA LEU C 249 -2.79 -11.28 25.82
C LEU C 249 -1.65 -10.68 26.64
N MET C 250 -1.94 -9.55 27.25
CA MET C 250 -0.93 -8.68 27.84
C MET C 250 -0.56 -9.06 29.29
N ALA C 251 -1.51 -9.63 30.06
CA ALA C 251 -1.33 -9.88 31.49
C ALA C 251 -1.61 -11.33 31.93
N LEU C 252 -2.24 -12.18 31.12
CA LEU C 252 -2.73 -13.46 31.62
C LEU C 252 -2.12 -14.63 30.85
N ASP C 253 -1.00 -14.40 30.17
CA ASP C 253 -0.21 -15.45 29.54
C ASP C 253 -1.05 -16.21 28.51
N LYS C 254 -1.81 -15.50 27.67
CA LYS C 254 -2.50 -16.10 26.54
C LYS C 254 -1.91 -15.54 25.25
N PRO C 255 -0.84 -16.15 24.71
CA PRO C 255 -0.23 -15.65 23.48
C PRO C 255 -1.13 -15.83 22.24
N GLN C 256 -2.26 -16.54 22.37
CA GLN C 256 -3.13 -16.80 21.23
C GLN C 256 -4.32 -15.84 21.24
N ALA C 257 -4.48 -15.01 22.29
CA ALA C 257 -5.57 -14.05 22.28
C ALA C 257 -5.35 -13.02 21.18
N VAL C 258 -6.38 -12.76 20.37
CA VAL C 258 -6.27 -11.80 19.28
C VAL C 258 -7.34 -10.72 19.48
N PRO C 259 -6.99 -9.54 20.03
CA PRO C 259 -7.99 -8.54 20.32
C PRO C 259 -8.46 -7.93 19.01
N VAL C 260 -9.76 -7.98 18.74
CA VAL C 260 -10.30 -7.59 17.45
C VAL C 260 -11.04 -6.27 17.59
N ASP C 261 -10.59 -5.27 16.85
CA ASP C 261 -11.24 -3.96 16.76
C ASP C 261 -11.17 -3.51 15.29
N VAL C 262 -11.42 -2.23 15.04
CA VAL C 262 -11.52 -1.67 13.69
C VAL C 262 -10.16 -1.65 12.98
N HIS C 263 -9.08 -1.50 13.74
CA HIS C 263 -7.75 -1.53 13.16
C HIS C 263 -7.40 -2.93 12.64
N VAL C 264 -7.86 -3.96 13.34
CA VAL C 264 -7.59 -5.32 12.92
C VAL C 264 -8.47 -5.63 11.70
N TRP C 265 -9.71 -5.13 11.70
CA TRP C 265 -10.60 -5.26 10.54
C TRP C 265 -9.91 -4.76 9.29
N GLN C 266 -9.28 -3.58 9.43
CA GLN C 266 -8.67 -2.91 8.29
C GLN C 266 -7.49 -3.75 7.78
N ILE C 267 -6.68 -4.27 8.69
CA ILE C 267 -5.58 -5.15 8.32
C ILE C 267 -6.11 -6.43 7.66
N ALA C 268 -7.05 -7.12 8.31
CA ALA C 268 -7.60 -8.35 7.77
C ALA C 268 -8.10 -8.14 6.33
N HIS C 269 -8.85 -7.03 6.11
CA HIS C 269 -9.49 -6.82 4.83
C HIS C 269 -8.48 -6.42 3.77
N ARG C 270 -7.70 -5.37 4.03
CA ARG C 270 -6.77 -4.84 3.05
C ARG C 270 -5.61 -5.82 2.80
N ASP C 271 -5.03 -6.37 3.85
CA ASP C 271 -3.77 -7.08 3.75
C ASP C 271 -3.98 -8.59 3.63
N TYR C 272 -5.10 -9.13 4.12
CA TYR C 272 -5.37 -10.56 4.01
C TYR C 272 -6.52 -10.86 3.03
N GLY C 273 -7.25 -9.85 2.54
CA GLY C 273 -8.39 -10.10 1.68
C GLY C 273 -9.58 -10.68 2.44
N TRP C 274 -9.65 -10.49 3.77
CA TRP C 274 -10.62 -11.25 4.55
C TRP C 274 -11.98 -10.56 4.57
N HIS C 275 -13.08 -11.36 4.55
CA HIS C 275 -14.43 -10.89 4.73
C HIS C 275 -15.17 -11.88 5.63
N PRO C 276 -16.19 -11.48 6.40
CA PRO C 276 -16.90 -12.46 7.23
C PRO C 276 -17.43 -13.57 6.31
N LYS C 277 -16.96 -14.80 6.55
CA LYS C 277 -17.36 -15.97 5.79
C LYS C 277 -18.73 -16.43 6.26
N THR C 278 -19.10 -16.07 7.49
CA THR C 278 -20.45 -16.24 8.01
C THR C 278 -21.10 -14.85 8.15
N SER C 279 -21.28 -14.19 6.99
CA SER C 279 -21.89 -12.87 6.90
C SER C 279 -21.67 -12.05 8.17
N GLY C 283 -19.32 -5.76 8.14
CA GLY C 283 -18.89 -4.78 9.15
C GLY C 283 -18.68 -5.44 10.51
N PRO C 284 -18.00 -4.78 11.48
CA PRO C 284 -17.78 -5.37 12.80
C PRO C 284 -19.06 -5.79 13.56
N SER C 285 -18.94 -6.88 14.33
CA SER C 285 -20.02 -7.41 15.14
C SER C 285 -19.48 -8.57 15.97
N PRO C 286 -20.15 -8.96 17.07
CA PRO C 286 -19.69 -10.07 17.91
C PRO C 286 -19.17 -11.29 17.14
N LEU C 287 -20.05 -11.92 16.36
CA LEU C 287 -19.72 -13.21 15.77
C LEU C 287 -18.65 -13.01 14.69
N ALA C 288 -18.71 -11.87 13.99
CA ALA C 288 -17.71 -11.54 12.99
C ALA C 288 -16.34 -11.32 13.65
N ASN C 289 -16.36 -10.60 14.79
CA ASN C 289 -15.14 -10.35 15.55
C ASN C 289 -14.50 -11.66 16.00
N LYS C 290 -15.32 -12.58 16.51
CA LYS C 290 -14.79 -13.86 16.98
C LYS C 290 -14.26 -14.65 15.79
N GLU C 291 -15.03 -14.66 14.70
CA GLU C 291 -14.56 -15.33 13.50
C GLU C 291 -13.20 -14.74 13.09
N LEU C 292 -13.04 -13.43 13.22
CA LEU C 292 -11.76 -12.85 12.82
C LEU C 292 -10.62 -13.32 13.72
N GLY C 293 -10.89 -13.55 15.02
CA GLY C 293 -9.86 -14.02 15.95
C GLY C 293 -9.35 -15.40 15.55
N ASN C 294 -10.34 -16.26 15.30
CA ASN C 294 -10.09 -17.64 14.90
C ASN C 294 -9.28 -17.65 13.61
N PHE C 295 -9.64 -16.75 12.69
CA PHE C 295 -8.90 -16.67 11.45
C PHE C 295 -7.41 -16.51 11.73
N PHE C 296 -7.05 -15.52 12.56
CA PHE C 296 -5.64 -15.22 12.82
C PHE C 296 -4.95 -16.37 13.60
N ARG C 297 -5.67 -16.97 14.54
CA ARG C 297 -5.15 -18.15 15.23
C ARG C 297 -4.88 -19.32 14.28
N ASN C 298 -5.79 -19.57 13.32
CA ASN C 298 -5.57 -20.60 12.31
C ASN C 298 -4.27 -20.35 11.55
N LEU C 299 -4.05 -19.09 11.19
CA LEU C 299 -2.95 -18.73 10.34
C LEU C 299 -1.64 -18.77 11.12
N TRP C 300 -1.61 -18.15 12.31
CA TRP C 300 -0.33 -17.88 12.96
C TRP C 300 0.02 -18.95 13.98
N GLY C 301 -1.00 -19.45 14.66
CA GLY C 301 -0.87 -20.53 15.62
C GLY C 301 -1.03 -20.01 17.04
N PRO C 302 -0.30 -20.60 18.01
CA PRO C 302 -0.54 -20.31 19.42
C PRO C 302 -0.03 -18.94 19.83
N TYR C 303 0.91 -18.36 19.07
CA TYR C 303 1.45 -17.04 19.38
C TYR C 303 0.83 -15.94 18.50
N ALA C 304 -0.48 -16.11 18.23
CA ALA C 304 -1.20 -15.32 17.23
C ALA C 304 -1.32 -13.86 17.70
N GLY C 305 -1.63 -13.68 18.97
CA GLY C 305 -1.73 -12.35 19.57
C GLY C 305 -0.41 -11.59 19.50
N TRP C 306 0.72 -12.32 19.46
CA TRP C 306 2.03 -11.71 19.36
C TRP C 306 2.31 -11.24 17.95
N ALA C 307 1.92 -12.06 16.97
CA ALA C 307 2.13 -11.72 15.58
C ALA C 307 1.29 -10.48 15.23
N GLN C 308 0.10 -10.44 15.78
CA GLN C 308 -0.86 -9.36 15.61
C GLN C 308 -0.25 -8.06 16.16
N ALA C 309 0.54 -8.19 17.23
CA ALA C 309 1.17 -7.04 17.87
C ALA C 309 2.25 -6.44 16.98
N VAL C 310 2.92 -7.29 16.20
CA VAL C 310 3.94 -6.84 15.28
C VAL C 310 3.32 -5.90 14.25
N LEU C 311 2.15 -6.29 13.74
CA LEU C 311 1.50 -5.52 12.69
C LEU C 311 0.97 -4.20 13.26
N PHE C 312 0.48 -4.23 14.50
CA PHE C 312 0.03 -3.04 15.16
C PHE C 312 1.21 -2.07 15.36
N SER C 313 2.28 -2.56 15.97
CA SER C 313 3.47 -1.72 16.16
C SER C 313 3.99 -1.21 14.83
N ALA C 314 4.01 -2.06 13.79
CA ALA C 314 4.51 -1.61 12.49
C ALA C 314 3.71 -0.39 12.04
N ASP C 315 2.41 -0.42 12.34
CA ASP C 315 1.45 0.51 11.77
C ASP C 315 1.47 1.86 12.50
N LEU C 316 1.77 1.88 13.81
CA LEU C 316 2.02 3.13 14.52
C LEU C 316 3.23 3.88 13.96
N ARG C 317 4.10 3.20 13.18
CA ARG C 317 5.05 3.84 12.27
C ARG C 317 4.66 3.51 10.82
#